data_7OVW
#
_entry.id   7OVW
#
_cell.length_a   69.372
_cell.length_b   84.920
_cell.length_c   79.903
_cell.angle_alpha   90.000
_cell.angle_beta   91.565
_cell.angle_gamma   90.000
#
_symmetry.space_group_name_H-M   'P 1 21 1'
#
loop_
_entity.id
_entity.type
_entity.pdbx_description
1 polymer 'Neurotoxin type E'
2 branched 'N-acetyl-alpha-neuraminic acid-(2-3)-beta-D-galactopyranose-(1-3)-2-acetamido-2-deoxy-beta-D-galactopyranose-(1-4)-beta-D-galactopyranose-(1-4)-beta-D-glucopyranose'
3 branched 'N-acetyl-alpha-neuraminic acid-(2-3)-beta-D-galactopyranose-(1-3)-2-acetamido-2-deoxy-beta-D-galactopyranose-(1-4)-beta-D-galactopyranose'
4 water water
#
_entity_poly.entity_id   1
_entity_poly.type   'polypeptide(L)'
_entity_poly.pdbx_seq_one_letter_code
;MGSSHHHHHHSSGLVPRGSHMASMYPYDVPDYAGSNNSIPFKLSSYTDDKILISYFNKFFKRIKSSSVLNMRYKNDKYVD
TSGYDSNININGDVYKYPTNKNQFGIYNDKLSEVNISQNDYIIYDNKYKNFSISFWVRIPNYDNKIVNVNNEYTIINCMR
DNNSGWKVSLNHNEIIWTLQDNAGINQKLAFNYGNANGISDYINKWIFVTITNDRLGDSKLYINGNLIDQKSILNLGNIH
VSDNILFKIVNCSYTRYIGIRYFNIFDKELDETEIQTLYSNEPNTNILKDFWGNYLLYDKEYYLLNVLKPNNFIDRRKDS
TLSINNIRSTILLANRLYSGIKVKIQRVNNSSTNDNLVRKNDQVYINFVASKTHLFPLYADTATTNKEKTIKISSSGNRF
NQVVVMNSVGNNCTMNFKNNNGNNIGLLGFKADTVVASTWYYTHMRDHTNSNGCFWNFISEEHGWQEK
;
_entity_poly.pdbx_strand_id   AAA,BBB
#
loop_
_chem_comp.id
_chem_comp.type
_chem_comp.name
_chem_comp.formula
BGC D-saccharide, beta linking beta-D-glucopyranose 'C6 H12 O6'
GAL D-saccharide, beta linking beta-D-galactopyranose 'C6 H12 O6'
NGA D-saccharide, beta linking 2-acetamido-2-deoxy-beta-D-galactopyranose 'C8 H15 N O6'
SIA D-saccharide, alpha linking 'N-acetyl-alpha-neuraminic acid' 'C11 H19 N O9'
#
# COMPACT_ATOMS: atom_id res chain seq x y z
N SER A 65 -1.43 -28.15 3.17
CA SER A 65 -1.03 -29.44 3.83
C SER A 65 -0.07 -29.19 5.00
N SER A 66 0.46 -27.97 5.14
CA SER A 66 1.24 -27.52 6.33
C SER A 66 0.28 -27.06 7.44
N SER A 67 -1.01 -26.97 7.12
CA SER A 67 -2.12 -26.71 8.09
C SER A 67 -2.17 -27.83 9.14
N VAL A 68 -2.07 -27.48 10.43
CA VAL A 68 -2.18 -28.41 11.59
C VAL A 68 -3.50 -28.15 12.33
N LEU A 69 -4.30 -27.18 11.88
CA LEU A 69 -5.62 -26.84 12.45
C LEU A 69 -6.41 -26.05 11.40
N ASN A 70 -7.59 -26.53 11.02
CA ASN A 70 -8.44 -25.96 9.94
C ASN A 70 -9.90 -25.96 10.39
N MET A 71 -10.36 -24.83 10.91
CA MET A 71 -11.70 -24.65 11.54
C MET A 71 -12.74 -24.39 10.43
N ARG A 72 -13.59 -25.39 10.16
CA ARG A 72 -14.66 -25.34 9.11
C ARG A 72 -15.96 -25.93 9.68
N TYR A 73 -17.10 -25.54 9.12
CA TYR A 73 -18.46 -25.88 9.61
C TYR A 73 -18.91 -27.22 9.00
N LYS A 74 -19.42 -28.13 9.84
CA LYS A 74 -19.97 -29.45 9.44
C LYS A 74 -21.02 -29.91 10.46
N ASN A 75 -22.17 -30.39 9.97
CA ASN A 75 -23.24 -31.08 10.77
C ASN A 75 -23.66 -30.19 11.95
N ASP A 76 -23.91 -28.90 11.69
CA ASP A 76 -24.51 -27.93 12.66
C ASP A 76 -23.49 -27.61 13.78
N LYS A 77 -22.19 -27.69 13.48
CA LYS A 77 -21.10 -27.35 14.43
C LYS A 77 -19.81 -27.06 13.64
N TYR A 78 -18.76 -26.60 14.34
CA TYR A 78 -17.41 -26.37 13.78
C TYR A 78 -16.53 -27.58 14.12
N VAL A 79 -15.71 -28.03 13.16
CA VAL A 79 -14.83 -29.21 13.30
C VAL A 79 -13.47 -28.91 12.66
N ASP A 80 -12.43 -29.62 13.11
CA ASP A 80 -11.07 -29.58 12.54
C ASP A 80 -11.04 -30.51 11.32
N THR A 81 -10.70 -29.97 10.14
CA THR A 81 -10.64 -30.72 8.85
C THR A 81 -9.19 -31.00 8.47
N SER A 82 -8.22 -30.51 9.25
CA SER A 82 -6.76 -30.71 9.02
C SER A 82 -6.42 -32.19 9.20
N GLY A 83 -7.22 -32.92 9.98
CA GLY A 83 -7.07 -34.38 10.23
C GLY A 83 -6.34 -34.67 11.52
N TYR A 84 -5.89 -33.64 12.25
CA TYR A 84 -5.18 -33.73 13.54
C TYR A 84 -6.20 -33.79 14.68
N ASP A 85 -7.50 -33.84 14.34
CA ASP A 85 -8.62 -34.15 15.26
C ASP A 85 -8.49 -33.33 16.55
N SER A 86 -8.36 -32.01 16.43
CA SER A 86 -8.57 -31.03 17.53
C SER A 86 -10.08 -30.85 17.72
N ASN A 87 -10.51 -30.58 18.96
CA ASN A 87 -11.94 -30.46 19.34
C ASN A 87 -12.32 -28.97 19.35
N ILE A 88 -13.49 -28.64 18.79
CA ILE A 88 -14.04 -27.25 18.75
C ILE A 88 -15.40 -27.25 19.46
N ASN A 89 -15.53 -26.43 20.52
CA ASN A 89 -16.74 -26.31 21.36
C ASN A 89 -17.35 -24.91 21.20
N ILE A 90 -18.66 -24.84 20.94
CA ILE A 90 -19.48 -23.59 20.99
C ILE A 90 -20.13 -23.52 22.39
N ASN A 91 -19.75 -22.52 23.18
CA ASN A 91 -20.40 -22.20 24.48
C ASN A 91 -21.24 -20.94 24.29
N GLY A 92 -22.53 -21.01 24.61
CA GLY A 92 -23.46 -19.86 24.58
C GLY A 92 -23.96 -19.55 23.19
N ASP A 93 -24.27 -18.27 22.94
CA ASP A 93 -24.90 -17.77 21.69
C ASP A 93 -23.80 -17.29 20.73
N VAL A 94 -23.50 -18.09 19.69
CA VAL A 94 -22.54 -17.75 18.60
C VAL A 94 -23.31 -17.70 17.28
N TYR A 95 -23.32 -16.53 16.62
CA TYR A 95 -24.02 -16.28 15.34
C TYR A 95 -23.28 -17.00 14.20
N LYS A 96 -24.02 -17.73 13.37
CA LYS A 96 -23.52 -18.33 12.11
C LYS A 96 -24.19 -17.59 10.94
N TYR A 97 -23.39 -17.05 10.02
CA TYR A 97 -23.88 -16.38 8.78
C TYR A 97 -24.63 -17.41 7.95
N PRO A 98 -25.96 -17.24 7.70
CA PRO A 98 -26.74 -18.21 6.93
C PRO A 98 -26.14 -18.55 5.56
N THR A 99 -25.49 -17.58 4.89
CA THR A 99 -24.97 -17.71 3.51
C THR A 99 -23.55 -18.29 3.52
N ASN A 100 -22.85 -18.22 4.65
CA ASN A 100 -21.50 -18.82 4.82
C ASN A 100 -21.29 -19.20 6.29
N LYS A 101 -21.64 -20.44 6.66
CA LYS A 101 -21.66 -20.96 8.05
C LYS A 101 -20.24 -21.01 8.62
N ASN A 102 -19.22 -21.02 7.77
CA ASN A 102 -17.78 -21.00 8.15
C ASN A 102 -17.47 -19.72 8.94
N GLN A 103 -18.25 -18.66 8.71
CA GLN A 103 -18.14 -17.35 9.40
C GLN A 103 -19.00 -17.40 10.66
N PHE A 104 -18.45 -16.98 11.81
CA PHE A 104 -19.18 -16.93 13.11
C PHE A 104 -18.96 -15.58 13.78
N GLY A 105 -19.91 -15.19 14.65
CA GLY A 105 -19.95 -13.92 15.36
C GLY A 105 -19.91 -14.13 16.87
N ILE A 106 -19.06 -13.36 17.56
CA ILE A 106 -18.78 -13.45 19.02
C ILE A 106 -19.27 -12.16 19.68
N TYR A 107 -20.08 -12.27 20.74
CA TYR A 107 -20.62 -11.13 21.53
C TYR A 107 -19.91 -11.00 22.88
N ASN A 108 -20.05 -9.86 23.54
CA ASN A 108 -19.55 -9.64 24.93
C ASN A 108 -20.67 -9.10 25.84
N ASP A 109 -21.93 -9.13 25.40
CA ASP A 109 -23.11 -8.71 26.21
C ASP A 109 -23.72 -9.94 26.90
N LYS A 110 -23.22 -11.14 26.57
CA LYS A 110 -23.71 -12.45 27.07
C LYS A 110 -22.63 -13.49 26.87
N LEU A 111 -22.89 -14.75 27.26
CA LEU A 111 -21.98 -15.90 27.04
C LEU A 111 -21.87 -16.14 25.53
N SER A 112 -20.67 -15.96 24.97
CA SER A 112 -20.34 -16.20 23.54
C SER A 112 -18.86 -16.57 23.41
N GLU A 113 -18.58 -17.83 23.10
CA GLU A 113 -17.20 -18.37 22.99
C GLU A 113 -17.16 -19.43 21.89
N VAL A 114 -16.04 -19.49 21.16
CA VAL A 114 -15.58 -20.75 20.50
C VAL A 114 -14.26 -21.11 21.17
N ASN A 115 -14.16 -22.35 21.67
CA ASN A 115 -12.97 -22.88 22.37
C ASN A 115 -12.47 -24.10 21.58
N ILE A 116 -11.25 -24.02 21.06
CA ILE A 116 -10.55 -25.14 20.38
C ILE A 116 -9.62 -25.81 21.39
N SER A 117 -9.94 -27.05 21.78
CA SER A 117 -9.03 -27.98 22.51
C SER A 117 -8.06 -28.58 21.49
N GLN A 118 -6.86 -28.01 21.39
CA GLN A 118 -5.82 -28.42 20.41
C GLN A 118 -5.42 -29.87 20.70
N ASN A 119 -5.22 -30.67 19.65
CA ASN A 119 -4.64 -32.03 19.78
C ASN A 119 -3.25 -31.89 20.41
N ASP A 120 -2.94 -32.71 21.42
CA ASP A 120 -1.69 -32.63 22.23
C ASP A 120 -0.46 -32.54 21.30
N TYR A 121 -0.57 -33.08 20.07
CA TYR A 121 0.53 -33.15 19.07
C TYR A 121 0.83 -31.76 18.49
N ILE A 122 -0.19 -30.95 18.19
CA ILE A 122 -0.06 -29.65 17.45
C ILE A 122 0.29 -28.52 18.44
N ILE A 123 0.06 -28.71 19.74
CA ILE A 123 0.31 -27.68 20.79
C ILE A 123 1.77 -27.23 20.69
N TYR A 124 1.99 -25.97 20.33
CA TYR A 124 3.35 -25.39 20.13
C TYR A 124 4.08 -25.28 21.47
N ASP A 125 5.26 -25.89 21.56
CA ASP A 125 6.17 -25.85 22.74
C ASP A 125 7.60 -26.05 22.25
N ASN A 126 8.26 -24.98 21.80
CA ASN A 126 9.55 -25.03 21.06
C ASN A 126 10.20 -23.64 21.06
N LYS A 127 11.49 -23.55 20.72
CA LYS A 127 12.21 -22.26 20.57
C LYS A 127 12.83 -22.12 19.18
N TYR A 128 12.58 -23.06 18.26
CA TYR A 128 13.19 -23.09 16.90
C TYR A 128 12.14 -23.34 15.80
N LYS A 129 11.13 -24.17 16.06
CA LYS A 129 10.11 -24.56 15.04
C LYS A 129 9.33 -23.31 14.60
N ASN A 130 9.32 -23.04 13.30
CA ASN A 130 8.57 -21.91 12.69
C ASN A 130 7.09 -22.27 12.67
N PHE A 131 6.20 -21.28 12.74
CA PHE A 131 4.73 -21.46 12.62
C PHE A 131 4.08 -20.17 12.11
N SER A 132 2.88 -20.32 11.57
CA SER A 132 2.05 -19.22 11.00
C SER A 132 0.62 -19.35 11.50
N ILE A 133 -0.03 -18.23 11.77
CA ILE A 133 -1.49 -18.12 12.08
C ILE A 133 -2.15 -17.36 10.93
N SER A 134 -3.32 -17.81 10.49
CA SER A 134 -4.16 -17.10 9.49
C SER A 134 -5.63 -17.18 9.89
N PHE A 135 -6.38 -16.11 9.60
CA PHE A 135 -7.83 -15.97 9.84
C PHE A 135 -8.28 -14.65 9.23
N TRP A 136 -9.58 -14.52 8.95
CA TRP A 136 -10.23 -13.23 8.62
C TRP A 136 -10.98 -12.75 9.87
N VAL A 137 -11.06 -11.42 10.05
CA VAL A 137 -11.81 -10.78 11.17
C VAL A 137 -12.67 -9.67 10.55
N ARG A 138 -13.82 -9.40 11.17
CA ARG A 138 -14.77 -8.34 10.75
C ARG A 138 -15.13 -7.52 11.99
N ILE A 139 -14.77 -6.25 11.99
CA ILE A 139 -14.91 -5.32 13.15
C ILE A 139 -15.83 -4.18 12.74
N PRO A 140 -17.13 -4.22 13.11
CA PRO A 140 -18.01 -3.06 12.94
C PRO A 140 -17.64 -1.90 13.88
N ASN A 141 -17.85 -0.66 13.43
CA ASN A 141 -17.64 0.56 14.25
C ASN A 141 -19.00 1.20 14.58
N TYR A 142 -20.11 0.64 14.11
CA TYR A 142 -21.49 1.09 14.40
C TYR A 142 -21.63 2.56 13.98
N ASP A 143 -21.88 3.49 14.91
CA ASP A 143 -22.01 4.95 14.62
C ASP A 143 -20.69 5.67 14.96
N ASN A 144 -19.60 4.92 15.13
CA ASN A 144 -18.19 5.42 15.21
C ASN A 144 -18.01 6.31 16.45
N LYS A 145 -18.70 6.00 17.55
CA LYS A 145 -18.61 6.76 18.83
C LYS A 145 -18.18 5.84 19.96
N ILE A 146 -18.94 4.77 20.20
CA ILE A 146 -18.75 3.79 21.31
C ILE A 146 -17.40 3.08 21.16
N VAL A 147 -16.88 2.97 19.93
CA VAL A 147 -15.60 2.27 19.59
C VAL A 147 -14.41 3.22 19.77
N ASN A 148 -14.65 4.52 19.93
CA ASN A 148 -13.59 5.57 19.93
C ASN A 148 -13.03 5.73 21.35
N VAL A 149 -12.38 4.67 21.86
CA VAL A 149 -11.73 4.64 23.21
C VAL A 149 -10.39 3.91 23.08
N ASN A 150 -9.33 4.45 23.69
CA ASN A 150 -8.03 3.76 23.84
C ASN A 150 -8.21 2.66 24.89
N ASN A 151 -8.46 1.43 24.42
CA ASN A 151 -8.78 0.25 25.25
C ASN A 151 -8.44 -0.99 24.41
N GLU A 152 -7.35 -1.67 24.75
CA GLU A 152 -6.89 -2.91 24.09
C GLU A 152 -7.65 -4.10 24.70
N TYR A 153 -8.38 -4.86 23.87
CA TYR A 153 -9.17 -6.03 24.29
C TYR A 153 -8.77 -7.24 23.43
N THR A 154 -8.79 -8.43 24.05
CA THR A 154 -8.43 -9.73 23.42
C THR A 154 -9.63 -10.30 22.65
N ILE A 155 -9.39 -10.89 21.48
CA ILE A 155 -10.43 -11.61 20.69
C ILE A 155 -10.03 -13.08 20.54
N ILE A 156 -8.73 -13.39 20.40
CA ILE A 156 -8.19 -14.77 20.32
C ILE A 156 -7.04 -14.92 21.33
N ASN A 157 -7.16 -15.87 22.25
CA ASN A 157 -6.23 -16.07 23.39
C ASN A 157 -5.64 -17.48 23.30
N CYS A 158 -4.32 -17.58 23.18
CA CYS A 158 -3.52 -18.83 23.28
C CYS A 158 -2.37 -18.60 24.25
N MET A 159 -2.64 -17.85 25.33
CA MET A 159 -1.68 -17.55 26.43
C MET A 159 -1.89 -18.57 27.56
N ARG A 160 -0.81 -19.23 27.99
CA ARG A 160 -0.77 -20.10 29.19
C ARG A 160 -0.90 -19.20 30.44
N ASP A 161 -1.22 -19.77 31.60
CA ASP A 161 -1.25 -19.03 32.90
C ASP A 161 0.15 -18.47 33.19
N ASN A 162 1.16 -19.04 32.53
CA ASN A 162 2.58 -18.58 32.48
C ASN A 162 2.68 -17.19 31.83
N ASN A 163 1.64 -16.75 31.12
CA ASN A 163 1.62 -15.57 30.21
C ASN A 163 2.59 -15.83 29.04
N SER A 164 2.75 -17.12 28.68
CA SER A 164 3.55 -17.62 27.54
C SER A 164 2.59 -18.01 26.40
N GLY A 165 3.00 -17.81 25.15
CA GLY A 165 2.22 -18.15 23.95
C GLY A 165 1.91 -16.93 23.11
N TRP A 166 0.75 -16.91 22.44
CA TRP A 166 0.31 -15.77 21.58
C TRP A 166 -1.14 -15.41 21.86
N LYS A 167 -1.53 -14.20 21.47
CA LYS A 167 -2.94 -13.72 21.46
C LYS A 167 -3.12 -12.67 20.36
N VAL A 168 -4.33 -12.57 19.81
CA VAL A 168 -4.76 -11.47 18.91
C VAL A 168 -5.70 -10.56 19.72
N SER A 169 -5.48 -9.26 19.67
CA SER A 169 -6.29 -8.24 20.36
C SER A 169 -6.60 -7.10 19.40
N LEU A 170 -7.57 -6.27 19.77
CA LEU A 170 -7.99 -5.08 18.98
C LEU A 170 -7.89 -3.84 19.87
N ASN A 171 -7.74 -2.68 19.24
CA ASN A 171 -8.01 -1.35 19.83
C ASN A 171 -8.84 -0.57 18.81
N HIS A 172 -9.09 0.71 19.03
CA HIS A 172 -9.78 1.60 18.08
C HIS A 172 -9.05 1.51 16.72
N ASN A 173 -9.72 0.91 15.72
CA ASN A 173 -9.24 0.77 14.32
C ASN A 173 -7.85 0.10 14.29
N GLU A 174 -7.60 -0.86 15.19
CA GLU A 174 -6.26 -1.49 15.33
C GLU A 174 -6.40 -3.00 15.57
N ILE A 175 -5.51 -3.79 14.97
CA ILE A 175 -5.34 -5.25 15.19
C ILE A 175 -3.92 -5.47 15.73
N ILE A 176 -3.78 -6.26 16.80
CA ILE A 176 -2.49 -6.47 17.51
C ILE A 176 -2.23 -7.97 17.66
N TRP A 177 -1.00 -8.39 17.39
CA TRP A 177 -0.47 -9.76 17.64
C TRP A 177 0.61 -9.66 18.73
N THR A 178 0.54 -10.54 19.73
CA THR A 178 1.50 -10.61 20.86
C THR A 178 2.04 -12.04 20.95
N LEU A 179 3.36 -12.19 20.98
CA LEU A 179 4.09 -13.47 21.18
C LEU A 179 4.99 -13.31 22.41
N GLN A 180 4.95 -14.24 23.35
CA GLN A 180 5.73 -14.18 24.62
C GLN A 180 6.30 -15.56 24.93
N ASP A 181 7.58 -15.62 25.35
CA ASP A 181 8.27 -16.87 25.76
C ASP A 181 8.05 -17.10 27.26
N ASN A 182 8.64 -18.15 27.83
CA ASN A 182 8.44 -18.61 29.24
C ASN A 182 9.11 -17.63 30.21
N ALA A 183 10.08 -16.84 29.75
CA ALA A 183 10.87 -15.89 30.56
C ALA A 183 10.27 -14.48 30.51
N GLY A 184 9.05 -14.34 29.96
CA GLY A 184 8.29 -13.07 29.95
C GLY A 184 8.67 -12.15 28.79
N ILE A 185 9.67 -12.51 27.98
CA ILE A 185 10.13 -11.71 26.81
C ILE A 185 9.07 -11.82 25.71
N ASN A 186 8.64 -10.68 25.15
CA ASN A 186 7.52 -10.63 24.17
C ASN A 186 7.84 -9.66 23.03
N GLN A 187 7.19 -9.87 21.88
CA GLN A 187 7.20 -8.96 20.71
C GLN A 187 5.75 -8.75 20.25
N LYS A 188 5.39 -7.52 19.90
CA LYS A 188 4.02 -7.14 19.44
C LYS A 188 4.11 -6.59 18.00
N LEU A 189 3.21 -7.04 17.14
CA LEU A 189 2.97 -6.48 15.78
C LEU A 189 1.59 -5.80 15.77
N ALA A 190 1.48 -4.66 15.09
CA ALA A 190 0.27 -3.81 15.07
C ALA A 190 -0.06 -3.37 13.65
N PHE A 191 -1.35 -3.34 13.32
CA PHE A 191 -1.94 -2.71 12.10
C PHE A 191 -3.02 -1.70 12.53
N ASN A 192 -2.76 -0.42 12.30
CA ASN A 192 -3.70 0.72 12.55
C ASN A 192 -4.26 1.17 11.20
N TYR A 193 -5.50 0.83 10.89
CA TYR A 193 -6.16 1.20 9.61
C TYR A 193 -6.82 2.57 9.73
N GLY A 194 -7.08 3.04 10.95
CA GLY A 194 -7.62 4.38 11.22
C GLY A 194 -9.04 4.58 10.68
N ASN A 195 -9.55 5.81 10.79
CA ASN A 195 -10.95 6.16 10.46
C ASN A 195 -11.12 6.19 8.93
N ALA A 196 -12.36 6.09 8.47
CA ALA A 196 -12.74 6.17 7.04
C ALA A 196 -12.38 7.55 6.50
N ASN A 197 -11.40 7.61 5.59
CA ASN A 197 -11.01 8.84 4.84
C ASN A 197 -11.48 8.64 3.40
N GLY A 198 -12.70 9.09 3.09
CA GLY A 198 -13.44 8.68 1.89
C GLY A 198 -14.08 7.32 2.11
N ILE A 199 -13.45 6.27 1.56
CA ILE A 199 -13.89 4.85 1.67
C ILE A 199 -12.81 4.08 2.42
N SER A 200 -13.21 3.20 3.35
CA SER A 200 -12.30 2.31 4.11
C SER A 200 -12.39 0.88 3.55
N ASP A 201 -11.24 0.24 3.33
CA ASP A 201 -11.15 -1.18 2.90
C ASP A 201 -11.19 -2.11 4.13
N TYR A 202 -11.37 -1.57 5.34
CA TYR A 202 -11.14 -2.29 6.62
C TYR A 202 -12.37 -2.27 7.54
N ILE A 203 -13.02 -1.12 7.71
CA ILE A 203 -14.08 -0.93 8.74
C ILE A 203 -15.33 -1.72 8.32
N ASN A 204 -15.78 -2.63 9.18
CA ASN A 204 -16.94 -3.55 9.02
C ASN A 204 -16.75 -4.45 7.78
N LYS A 205 -15.51 -4.65 7.34
CA LYS A 205 -15.15 -5.55 6.21
C LYS A 205 -14.38 -6.75 6.75
N TRP A 206 -14.42 -7.88 6.01
CA TRP A 206 -13.58 -9.06 6.27
C TRP A 206 -12.12 -8.72 5.94
N ILE A 207 -11.29 -8.58 6.98
CA ILE A 207 -9.82 -8.32 6.88
C ILE A 207 -9.10 -9.66 7.02
N PHE A 208 -8.32 -10.05 6.01
CA PHE A 208 -7.44 -11.26 6.07
C PHE A 208 -6.17 -10.89 6.85
N VAL A 209 -5.96 -11.56 7.98
CA VAL A 209 -4.75 -11.40 8.85
C VAL A 209 -3.89 -12.66 8.70
N THR A 210 -2.58 -12.50 8.54
CA THR A 210 -1.61 -13.63 8.52
C THR A 210 -0.37 -13.24 9.32
N ILE A 211 -0.03 -14.03 10.34
CA ILE A 211 1.22 -13.87 11.14
C ILE A 211 2.10 -15.09 10.89
N THR A 212 3.31 -14.87 10.39
CA THR A 212 4.36 -15.92 10.19
C THR A 212 5.49 -15.63 11.17
N ASN A 213 6.06 -16.68 11.76
CA ASN A 213 7.07 -16.59 12.85
C ASN A 213 8.31 -17.40 12.46
N ASP A 214 9.43 -16.71 12.22
CA ASP A 214 10.77 -17.30 12.00
C ASP A 214 11.55 -17.14 13.30
N ARG A 215 11.79 -18.25 14.00
CA ARG A 215 12.44 -18.26 15.34
C ARG A 215 13.92 -17.83 15.19
N LEU A 216 14.46 -17.89 13.97
CA LEU A 216 15.83 -17.41 13.63
C LEU A 216 15.79 -16.00 13.05
N GLY A 217 14.62 -15.34 13.00
CA GLY A 217 14.46 -14.01 12.38
C GLY A 217 13.24 -13.25 12.88
N ASP A 218 12.40 -12.78 11.96
CA ASP A 218 11.28 -11.84 12.25
C ASP A 218 9.97 -12.60 12.45
N SER A 219 9.10 -12.02 13.28
CA SER A 219 7.63 -12.20 13.24
C SER A 219 7.09 -11.17 12.24
N LYS A 220 6.18 -11.58 11.35
CA LYS A 220 5.67 -10.73 10.23
C LYS A 220 4.14 -10.73 10.26
N LEU A 221 3.54 -9.54 10.22
CA LEU A 221 2.07 -9.34 10.14
C LEU A 221 1.70 -8.94 8.71
N TYR A 222 0.86 -9.75 8.05
CA TYR A 222 0.29 -9.50 6.71
C TYR A 222 -1.19 -9.14 6.85
N ILE A 223 -1.62 -8.09 6.14
CA ILE A 223 -3.05 -7.67 6.01
C ILE A 223 -3.44 -7.72 4.54
N ASN A 224 -4.34 -8.64 4.18
CA ASN A 224 -4.84 -8.83 2.80
C ASN A 224 -3.67 -9.12 1.84
N GLY A 225 -2.71 -9.93 2.30
CA GLY A 225 -1.57 -10.43 1.49
C GLY A 225 -0.40 -9.46 1.46
N ASN A 226 -0.52 -8.27 2.07
CA ASN A 226 0.52 -7.21 2.07
C ASN A 226 1.24 -7.21 3.43
N LEU A 227 2.58 -7.16 3.39
CA LEU A 227 3.45 -7.08 4.60
C LEU A 227 3.31 -5.69 5.23
N ILE A 228 2.85 -5.64 6.48
CA ILE A 228 2.51 -4.39 7.23
C ILE A 228 3.59 -4.12 8.28
N ASP A 229 3.93 -5.14 9.09
CA ASP A 229 4.85 -5.01 10.25
C ASP A 229 5.72 -6.26 10.30
N GLN A 230 7.01 -6.10 10.58
CA GLN A 230 7.94 -7.22 10.88
C GLN A 230 8.95 -6.77 11.95
N LYS A 231 9.15 -7.60 12.97
CA LYS A 231 10.05 -7.32 14.13
C LYS A 231 10.74 -8.62 14.53
N SER A 232 12.01 -8.54 14.93
CA SER A 232 12.84 -9.69 15.37
C SER A 232 12.21 -10.35 16.61
N ILE A 233 12.08 -11.68 16.57
CA ILE A 233 11.74 -12.56 17.74
C ILE A 233 12.93 -13.48 18.03
N LEU A 234 14.12 -13.12 17.55
CA LEU A 234 15.34 -13.96 17.67
C LEU A 234 15.73 -14.11 19.15
N ASN A 235 15.48 -13.08 19.97
CA ASN A 235 15.87 -13.01 21.41
C ASN A 235 14.86 -13.79 22.28
N LEU A 236 13.76 -14.27 21.71
CA LEU A 236 12.74 -15.08 22.44
C LEU A 236 13.24 -16.53 22.54
N GLY A 237 13.09 -17.14 23.72
CA GLY A 237 13.50 -18.53 24.01
C GLY A 237 12.36 -19.51 23.80
N ASN A 238 12.13 -20.40 24.76
CA ASN A 238 11.06 -21.44 24.67
C ASN A 238 9.71 -20.74 24.79
N ILE A 239 8.84 -20.94 23.79
CA ILE A 239 7.42 -20.48 23.79
C ILE A 239 6.55 -21.71 23.97
N HIS A 240 5.71 -21.72 25.00
CA HIS A 240 4.72 -22.79 25.28
C HIS A 240 3.32 -22.18 25.24
N VAL A 241 2.57 -22.41 24.16
CA VAL A 241 1.19 -21.88 23.97
C VAL A 241 0.26 -22.71 24.85
N SER A 242 -0.91 -22.15 25.21
CA SER A 242 -1.94 -22.84 26.02
C SER A 242 -2.53 -24.00 25.20
N ASP A 243 -3.12 -24.98 25.88
CA ASP A 243 -3.75 -26.18 25.27
C ASP A 243 -4.98 -25.75 24.46
N ASN A 244 -5.59 -24.62 24.83
CA ASN A 244 -6.88 -24.13 24.26
C ASN A 244 -6.65 -22.84 23.47
N ILE A 245 -7.35 -22.69 22.35
CA ILE A 245 -7.48 -21.40 21.60
C ILE A 245 -8.89 -20.88 21.87
N LEU A 246 -9.00 -19.80 22.66
CA LEU A 246 -10.28 -19.21 23.11
C LEU A 246 -10.63 -18.01 22.23
N PHE A 247 -11.67 -18.14 21.42
CA PHE A 247 -12.28 -17.03 20.62
C PHE A 247 -13.33 -16.36 21.49
N LYS A 248 -13.01 -15.20 22.05
CA LYS A 248 -13.89 -14.46 22.99
C LYS A 248 -13.38 -13.02 23.15
N ILE A 249 -14.31 -12.06 23.18
CA ILE A 249 -14.05 -10.61 23.38
C ILE A 249 -13.90 -10.36 24.88
N VAL A 250 -12.68 -10.08 25.35
CA VAL A 250 -12.34 -9.94 26.80
C VAL A 250 -11.72 -8.56 27.04
N ASN A 251 -12.27 -7.82 28.02
CA ASN A 251 -11.79 -6.51 28.53
C ASN A 251 -12.04 -5.42 27.48
N CYS A 252 -13.10 -5.58 26.67
CA CYS A 252 -13.67 -4.48 25.84
C CYS A 252 -14.64 -3.69 26.72
N SER A 253 -14.41 -2.38 26.87
CA SER A 253 -15.16 -1.47 27.76
C SER A 253 -16.59 -1.23 27.23
N TYR A 254 -16.85 -1.58 25.96
CA TYR A 254 -18.18 -1.38 25.32
C TYR A 254 -18.73 -2.71 24.81
N THR A 255 -20.05 -2.72 24.55
CA THR A 255 -20.82 -3.85 23.97
C THR A 255 -20.61 -3.88 22.46
N ARG A 256 -20.20 -5.02 21.93
CA ARG A 256 -19.96 -5.20 20.47
C ARG A 256 -19.97 -6.69 20.15
N TYR A 257 -19.86 -7.01 18.85
CA TYR A 257 -19.57 -8.37 18.34
C TYR A 257 -18.41 -8.26 17.34
N ILE A 258 -17.81 -9.42 17.04
CA ILE A 258 -16.64 -9.56 16.13
C ILE A 258 -16.88 -10.79 15.26
N GLY A 259 -16.65 -10.66 13.95
CA GLY A 259 -16.71 -11.78 13.00
C GLY A 259 -15.35 -12.44 12.83
N ILE A 260 -15.32 -13.77 12.76
CA ILE A 260 -14.10 -14.60 12.49
C ILE A 260 -14.46 -15.64 11.43
N ARG A 261 -13.49 -16.08 10.64
CA ARG A 261 -13.65 -17.20 9.68
C ARG A 261 -12.28 -17.76 9.26
N TYR A 262 -12.27 -19.04 8.87
CA TYR A 262 -11.16 -19.75 8.19
C TYR A 262 -9.89 -19.72 9.04
N PHE A 263 -10.02 -19.89 10.37
CA PHE A 263 -8.86 -19.95 11.31
C PHE A 263 -7.97 -21.15 10.92
N ASN A 264 -6.67 -20.89 10.75
CA ASN A 264 -5.65 -21.93 10.45
C ASN A 264 -4.40 -21.68 11.31
N ILE A 265 -3.75 -22.77 11.74
CA ILE A 265 -2.35 -22.78 12.22
C ILE A 265 -1.54 -23.60 11.21
N PHE A 266 -0.37 -23.11 10.81
CA PHE A 266 0.57 -23.80 9.89
C PHE A 266 1.85 -24.11 10.67
N ASP A 267 2.49 -25.25 10.36
CA ASP A 267 3.72 -25.75 11.04
C ASP A 267 4.97 -25.27 10.27
N LYS A 268 4.89 -24.12 9.59
CA LYS A 268 6.04 -23.48 8.91
C LYS A 268 5.79 -21.98 8.75
N GLU A 269 6.84 -21.22 8.41
CA GLU A 269 6.76 -19.79 8.04
C GLU A 269 6.32 -19.69 6.57
N LEU A 270 5.04 -19.37 6.33
CA LEU A 270 4.48 -19.16 4.97
C LEU A 270 5.25 -18.03 4.27
N ASP A 271 5.45 -18.13 2.96
CA ASP A 271 6.04 -17.05 2.12
C ASP A 271 4.89 -16.24 1.50
N GLU A 272 5.20 -15.08 0.90
CA GLU A 272 4.21 -14.13 0.34
C GLU A 272 3.30 -14.89 -0.64
N THR A 273 3.86 -15.79 -1.45
CA THR A 273 3.17 -16.59 -2.50
C THR A 273 2.01 -17.39 -1.88
N GLU A 274 2.28 -18.12 -0.79
CA GLU A 274 1.29 -19.00 -0.09
C GLU A 274 0.21 -18.14 0.58
N ILE A 275 0.59 -16.97 1.10
CA ILE A 275 -0.34 -16.03 1.79
C ILE A 275 -1.30 -15.44 0.75
N GLN A 276 -0.80 -15.12 -0.44
CA GLN A 276 -1.60 -14.58 -1.59
C GLN A 276 -2.61 -15.62 -2.05
N THR A 277 -2.23 -16.91 -2.04
CA THR A 277 -3.08 -18.06 -2.47
C THR A 277 -4.25 -18.22 -1.48
N LEU A 278 -3.99 -18.16 -0.17
CA LEU A 278 -5.04 -18.26 0.88
C LEU A 278 -6.01 -17.08 0.74
N TYR A 279 -5.48 -15.89 0.44
CA TYR A 279 -6.24 -14.61 0.36
C TYR A 279 -7.33 -14.71 -0.72
N SER A 280 -7.02 -15.30 -1.88
CA SER A 280 -7.93 -15.36 -3.06
C SER A 280 -8.80 -16.62 -3.04
N ASN A 281 -8.33 -17.71 -2.40
CA ASN A 281 -8.95 -19.06 -2.54
C ASN A 281 -9.87 -19.40 -1.36
N GLU A 282 -9.61 -18.87 -0.16
CA GLU A 282 -10.37 -19.25 1.07
C GLU A 282 -11.84 -18.87 0.92
N PRO A 283 -12.18 -17.59 0.62
CA PRO A 283 -13.53 -17.26 0.18
C PRO A 283 -13.68 -17.76 -1.26
N ASN A 284 -14.76 -18.47 -1.57
CA ASN A 284 -15.00 -19.09 -2.91
C ASN A 284 -14.83 -18.02 -4.00
N THR A 285 -13.78 -18.17 -4.82
CA THR A 285 -13.40 -17.23 -5.91
C THR A 285 -14.47 -17.22 -7.01
N ASN A 286 -15.29 -18.28 -7.10
CA ASN A 286 -16.37 -18.43 -8.11
C ASN A 286 -17.61 -17.61 -7.72
N ILE A 287 -17.74 -17.23 -6.44
CA ILE A 287 -18.91 -16.45 -5.93
C ILE A 287 -18.50 -14.97 -5.82
N LEU A 288 -19.32 -14.06 -6.35
CA LEU A 288 -19.08 -12.60 -6.29
C LEU A 288 -19.28 -12.13 -4.84
N LYS A 289 -18.61 -11.04 -4.46
CA LYS A 289 -18.60 -10.48 -3.09
C LYS A 289 -19.36 -9.15 -3.10
N ASP A 290 -20.03 -8.84 -1.99
CA ASP A 290 -20.58 -7.49 -1.71
C ASP A 290 -19.44 -6.64 -1.11
N PHE A 291 -19.73 -5.37 -0.81
CA PHE A 291 -18.77 -4.35 -0.32
C PHE A 291 -18.06 -4.83 0.97
N TRP A 292 -18.77 -5.55 1.83
CA TRP A 292 -18.27 -5.97 3.17
C TRP A 292 -17.33 -7.17 3.02
N GLY A 293 -17.38 -7.89 1.90
CA GLY A 293 -16.57 -9.09 1.65
C GLY A 293 -17.37 -10.37 1.80
N ASN A 294 -18.67 -10.26 2.13
CA ASN A 294 -19.63 -11.39 2.13
C ASN A 294 -20.03 -11.73 0.69
N TYR A 295 -20.56 -12.93 0.48
CA TYR A 295 -21.06 -13.40 -0.84
C TYR A 295 -22.16 -12.42 -1.31
N LEU A 296 -22.13 -12.06 -2.60
CA LEU A 296 -23.19 -11.25 -3.26
C LEU A 296 -24.43 -12.13 -3.43
N LEU A 297 -25.62 -11.60 -3.18
CA LEU A 297 -26.88 -12.37 -3.09
C LEU A 297 -27.91 -11.88 -4.11
N TYR A 298 -28.72 -12.81 -4.64
CA TYR A 298 -29.97 -12.54 -5.39
C TYR A 298 -31.05 -12.06 -4.41
N ASP A 299 -32.06 -11.34 -4.92
CA ASP A 299 -33.26 -10.91 -4.15
C ASP A 299 -32.80 -10.14 -2.90
N LYS A 300 -31.84 -9.22 -3.07
CA LYS A 300 -31.23 -8.42 -1.97
C LYS A 300 -31.01 -6.99 -2.47
N GLU A 301 -31.54 -6.00 -1.75
CA GLU A 301 -31.40 -4.55 -2.07
C GLU A 301 -29.95 -4.12 -1.82
N TYR A 302 -29.35 -3.44 -2.79
CA TYR A 302 -27.96 -2.93 -2.75
C TYR A 302 -27.92 -1.48 -3.27
N TYR A 303 -27.16 -0.63 -2.59
CA TYR A 303 -26.63 0.64 -3.14
C TYR A 303 -25.42 0.29 -4.02
N LEU A 304 -25.09 1.18 -4.96
CA LEU A 304 -23.96 0.98 -5.92
C LEU A 304 -22.82 1.95 -5.59
N LEU A 305 -21.59 1.44 -5.61
CA LEU A 305 -20.33 2.23 -5.58
C LEU A 305 -19.55 1.93 -6.87
N ASN A 306 -19.31 2.95 -7.69
CA ASN A 306 -18.32 2.87 -8.80
C ASN A 306 -16.92 3.01 -8.19
N VAL A 307 -16.05 2.02 -8.42
CA VAL A 307 -14.73 1.88 -7.73
C VAL A 307 -13.80 3.01 -8.19
N LEU A 308 -13.88 3.43 -9.45
CA LEU A 308 -13.09 4.56 -10.00
C LEU A 308 -13.59 5.90 -9.45
N LYS A 309 -14.86 5.94 -8.99
CA LYS A 309 -15.54 7.18 -8.52
C LYS A 309 -16.07 6.98 -7.11
N PRO A 310 -15.18 6.74 -6.11
CA PRO A 310 -15.62 6.37 -4.76
C PRO A 310 -16.42 7.46 -4.03
N ASN A 311 -16.26 8.72 -4.42
CA ASN A 311 -16.91 9.90 -3.78
C ASN A 311 -18.25 10.21 -4.47
N ASN A 312 -18.64 9.47 -5.50
CA ASN A 312 -19.85 9.72 -6.32
C ASN A 312 -20.91 8.65 -6.03
N PHE A 313 -22.20 8.97 -6.25
CA PHE A 313 -23.31 7.98 -6.18
C PHE A 313 -24.23 8.17 -7.40
N ILE A 314 -25.02 7.13 -7.69
CA ILE A 314 -25.92 7.06 -8.86
C ILE A 314 -27.33 7.48 -8.41
N ASP A 315 -27.93 8.43 -9.13
CA ASP A 315 -29.34 8.86 -8.93
C ASP A 315 -30.08 8.70 -10.25
N ARG A 316 -31.41 8.68 -10.23
CA ARG A 316 -32.27 8.66 -11.44
C ARG A 316 -32.58 10.11 -11.83
N ARG A 317 -32.58 10.41 -13.13
CA ARG A 317 -33.05 11.69 -13.71
C ARG A 317 -34.55 11.53 -14.03
N LYS A 318 -35.23 12.64 -14.33
CA LYS A 318 -36.69 12.64 -14.65
C LYS A 318 -36.93 11.92 -15.99
N ASP A 319 -35.91 11.85 -16.85
CA ASP A 319 -35.98 11.23 -18.20
C ASP A 319 -35.68 9.73 -18.13
N SER A 320 -35.50 9.17 -16.93
CA SER A 320 -35.34 7.71 -16.64
C SER A 320 -33.87 7.26 -16.84
N THR A 321 -32.95 8.17 -17.16
CA THR A 321 -31.50 7.87 -17.24
C THR A 321 -30.91 7.92 -15.82
N LEU A 322 -29.65 7.53 -15.67
CA LEU A 322 -28.94 7.51 -14.38
C LEU A 322 -27.79 8.52 -14.41
N SER A 323 -27.73 9.42 -13.43
CA SER A 323 -26.64 10.40 -13.25
C SER A 323 -25.62 9.85 -12.24
N ILE A 324 -24.32 10.05 -12.51
CA ILE A 324 -23.21 9.65 -11.60
C ILE A 324 -22.49 10.89 -11.09
N ASN A 325 -22.94 12.10 -11.45
CA ASN A 325 -22.31 13.38 -11.02
C ASN A 325 -22.97 13.84 -9.71
N ASN A 326 -23.18 12.92 -8.78
CA ASN A 326 -23.74 13.17 -7.43
C ASN A 326 -22.66 12.87 -6.40
N ILE A 327 -22.35 13.84 -5.54
CA ILE A 327 -21.20 13.76 -4.59
C ILE A 327 -21.70 13.26 -3.24
N ARG A 328 -21.07 12.20 -2.73
CA ARG A 328 -21.34 11.67 -1.37
C ARG A 328 -21.01 12.76 -0.35
N SER A 329 -21.93 13.01 0.58
CA SER A 329 -21.70 13.82 1.80
C SER A 329 -20.77 13.03 2.71
N THR A 330 -20.12 13.70 3.65
CA THR A 330 -19.15 13.10 4.60
C THR A 330 -19.65 13.27 6.03
N ILE A 331 -19.40 12.26 6.87
CA ILE A 331 -19.41 12.34 8.36
C ILE A 331 -17.94 12.30 8.78
N LEU A 332 -17.42 13.43 9.29
CA LEU A 332 -15.97 13.70 9.44
C LEU A 332 -15.33 13.58 8.06
N LEU A 333 -14.46 12.58 7.82
CA LEU A 333 -13.78 12.39 6.51
C LEU A 333 -14.34 11.15 5.80
N ALA A 334 -15.39 10.52 6.36
CA ALA A 334 -15.97 9.25 5.87
C ALA A 334 -17.15 9.55 4.92
N ASN A 335 -17.07 9.06 3.68
CA ASN A 335 -18.18 9.15 2.68
C ASN A 335 -19.40 8.39 3.21
N ARG A 336 -20.61 8.90 2.94
CA ARG A 336 -21.88 8.16 3.15
C ARG A 336 -21.94 7.02 2.13
N LEU A 337 -22.34 5.82 2.58
CA LEU A 337 -22.49 4.59 1.76
C LEU A 337 -23.95 4.39 1.33
N TYR A 338 -24.90 4.90 2.11
CA TYR A 338 -26.36 4.63 1.94
C TYR A 338 -26.99 5.78 1.15
N SER A 339 -26.44 6.06 -0.04
CA SER A 339 -26.85 7.18 -0.94
C SER A 339 -27.17 6.63 -2.33
N GLY A 340 -28.10 7.27 -3.04
CA GLY A 340 -28.43 6.94 -4.44
C GLY A 340 -29.37 5.76 -4.55
N ILE A 341 -29.47 5.16 -5.74
CA ILE A 341 -30.54 4.19 -6.12
C ILE A 341 -30.27 2.85 -5.44
N LYS A 342 -31.33 2.05 -5.26
CA LYS A 342 -31.24 0.65 -4.80
C LYS A 342 -31.52 -0.26 -6.01
N VAL A 343 -30.70 -1.30 -6.17
CA VAL A 343 -30.85 -2.34 -7.23
C VAL A 343 -31.05 -3.69 -6.53
N LYS A 344 -31.76 -4.60 -7.18
CA LYS A 344 -31.82 -6.04 -6.80
C LYS A 344 -31.41 -6.86 -8.02
N ILE A 345 -30.79 -8.02 -7.77
CA ILE A 345 -30.36 -8.99 -8.82
C ILE A 345 -31.32 -10.19 -8.78
N GLN A 346 -31.69 -10.70 -9.95
CA GLN A 346 -32.59 -11.88 -10.10
C GLN A 346 -31.98 -12.81 -11.16
N ARG A 347 -31.92 -14.11 -10.87
CA ARG A 347 -31.48 -15.16 -11.83
C ARG A 347 -32.42 -15.15 -13.04
N VAL A 348 -31.88 -15.20 -14.25
CA VAL A 348 -32.68 -15.36 -15.51
C VAL A 348 -33.32 -16.75 -15.48
N ASN A 349 -32.52 -17.77 -15.15
CA ASN A 349 -32.95 -19.19 -14.95
C ASN A 349 -32.45 -19.68 -13.59
N ASN A 350 -33.32 -20.36 -12.82
CA ASN A 350 -33.06 -20.75 -11.42
C ASN A 350 -31.91 -21.76 -11.34
N SER A 351 -31.19 -21.77 -10.21
CA SER A 351 -29.97 -22.58 -9.95
C SER A 351 -30.36 -23.97 -9.41
N SER A 352 -29.60 -24.99 -9.79
CA SER A 352 -29.79 -26.42 -9.37
C SER A 352 -29.22 -26.65 -7.97
N THR A 353 -28.40 -25.72 -7.46
CA THR A 353 -27.66 -25.84 -6.17
C THR A 353 -28.61 -25.60 -4.98
N ASN A 354 -29.64 -24.76 -5.17
CA ASN A 354 -30.58 -24.30 -4.11
C ASN A 354 -29.84 -23.26 -3.26
N ASP A 355 -29.39 -22.19 -3.91
CA ASP A 355 -28.59 -21.08 -3.31
C ASP A 355 -29.17 -19.74 -3.78
N ASN A 356 -28.79 -18.67 -3.09
N ASN A 356 -28.82 -18.66 -3.11
CA ASN A 356 -29.07 -17.26 -3.44
CA ASN A 356 -29.09 -17.27 -3.55
C ASN A 356 -27.75 -16.57 -3.80
C ASN A 356 -27.75 -16.57 -3.81
N LEU A 357 -26.69 -17.34 -4.09
CA LEU A 357 -25.31 -16.84 -4.29
C LEU A 357 -25.09 -16.50 -5.75
N VAL A 358 -24.61 -15.28 -6.03
CA VAL A 358 -24.32 -14.76 -7.40
C VAL A 358 -22.93 -15.25 -7.80
N ARG A 359 -22.85 -16.03 -8.90
CA ARG A 359 -21.62 -16.71 -9.36
C ARG A 359 -21.12 -16.06 -10.66
N LYS A 360 -19.82 -16.16 -10.94
CA LYS A 360 -19.19 -15.72 -12.20
C LYS A 360 -19.97 -16.32 -13.38
N ASN A 361 -20.27 -15.50 -14.39
CA ASN A 361 -20.89 -15.89 -15.69
C ASN A 361 -22.38 -16.21 -15.52
N ASP A 362 -22.96 -15.91 -14.37
CA ASP A 362 -24.44 -16.00 -14.16
C ASP A 362 -25.10 -14.93 -15.02
N GLN A 363 -26.19 -15.30 -15.69
CA GLN A 363 -27.04 -14.35 -16.47
C GLN A 363 -28.16 -13.87 -15.53
N VAL A 364 -28.28 -12.56 -15.35
CA VAL A 364 -29.18 -11.95 -14.34
C VAL A 364 -29.98 -10.81 -14.97
N TYR A 365 -31.03 -10.39 -14.25
CA TYR A 365 -31.75 -9.11 -14.46
C TYR A 365 -31.40 -8.19 -13.29
N ILE A 366 -31.01 -6.95 -13.59
CA ILE A 366 -30.77 -5.88 -12.57
C ILE A 366 -32.03 -4.99 -12.55
N ASN A 367 -32.72 -4.94 -11.40
CA ASN A 367 -33.99 -4.22 -11.22
C ASN A 367 -33.74 -3.00 -10.31
N PHE A 368 -34.19 -1.83 -10.75
CA PHE A 368 -34.24 -0.58 -9.96
C PHE A 368 -35.37 -0.69 -8.93
N VAL A 369 -35.08 -0.35 -7.67
CA VAL A 369 -36.07 -0.35 -6.55
C VAL A 369 -36.68 1.06 -6.47
N ALA A 370 -37.80 1.29 -7.16
CA ALA A 370 -38.64 2.50 -7.01
C ALA A 370 -39.20 2.52 -5.57
N SER A 371 -39.76 1.39 -5.14
CA SER A 371 -40.23 1.10 -3.76
C SER A 371 -40.23 -0.42 -3.55
N LYS A 372 -40.47 -0.89 -2.33
CA LYS A 372 -40.39 -2.33 -1.93
C LYS A 372 -41.27 -3.18 -2.87
N THR A 373 -42.42 -2.66 -3.30
CA THR A 373 -43.38 -3.33 -4.20
C THR A 373 -42.96 -3.18 -5.67
N HIS A 374 -42.58 -1.96 -6.09
CA HIS A 374 -42.40 -1.56 -7.50
C HIS A 374 -40.94 -1.72 -7.93
N LEU A 375 -40.65 -2.76 -8.72
CA LEU A 375 -39.32 -3.03 -9.32
C LEU A 375 -39.40 -2.80 -10.84
N PHE A 376 -38.39 -2.13 -11.41
CA PHE A 376 -38.33 -1.76 -12.84
C PHE A 376 -36.98 -2.18 -13.42
N PRO A 377 -36.97 -2.92 -14.56
CA PRO A 377 -35.74 -3.31 -15.23
C PRO A 377 -34.83 -2.12 -15.60
N LEU A 378 -33.51 -2.31 -15.40
CA LEU A 378 -32.46 -1.51 -16.09
C LEU A 378 -32.21 -2.14 -17.45
N TYR A 379 -32.18 -1.32 -18.51
CA TYR A 379 -31.82 -1.74 -19.88
C TYR A 379 -30.85 -0.72 -20.48
N ALA A 380 -30.05 -1.16 -21.44
CA ALA A 380 -29.19 -0.30 -22.29
C ALA A 380 -29.99 0.15 -23.51
N ASP A 381 -30.14 1.46 -23.70
CA ASP A 381 -30.82 2.05 -24.89
C ASP A 381 -29.90 1.91 -26.11
N THR A 382 -30.22 0.98 -27.01
CA THR A 382 -29.43 0.65 -28.23
C THR A 382 -29.93 1.47 -29.43
N ALA A 383 -30.99 2.27 -29.25
CA ALA A 383 -31.59 3.11 -30.32
C ALA A 383 -30.85 4.46 -30.37
N THR A 384 -29.58 4.42 -30.81
CA THR A 384 -28.62 5.55 -30.79
C THR A 384 -27.48 5.25 -31.76
N THR A 385 -26.77 6.29 -32.22
CA THR A 385 -25.53 6.17 -33.05
C THR A 385 -24.31 6.11 -32.14
N ASN A 386 -24.43 6.58 -30.88
CA ASN A 386 -23.36 6.59 -29.85
C ASN A 386 -22.85 5.17 -29.62
N LYS A 387 -21.55 5.01 -29.36
CA LYS A 387 -20.94 3.70 -28.99
C LYS A 387 -21.42 3.31 -27.58
N GLU A 388 -21.32 4.25 -26.63
CA GLU A 388 -21.85 4.09 -25.25
C GLU A 388 -23.38 4.12 -25.31
N LYS A 389 -24.02 3.12 -24.70
CA LYS A 389 -25.51 2.98 -24.68
C LYS A 389 -26.01 3.37 -23.29
N THR A 390 -26.73 4.48 -23.20
CA THR A 390 -27.31 5.04 -21.94
C THR A 390 -28.17 3.98 -21.26
N ILE A 391 -27.92 3.74 -19.96
CA ILE A 391 -28.77 2.85 -19.11
C ILE A 391 -30.03 3.63 -18.73
N LYS A 392 -31.19 2.98 -18.78
CA LYS A 392 -32.50 3.59 -18.49
C LYS A 392 -33.32 2.65 -17.61
N ILE A 393 -34.25 3.23 -16.83
CA ILE A 393 -35.29 2.48 -16.06
C ILE A 393 -36.48 2.27 -16.99
N SER A 394 -36.89 1.01 -17.18
CA SER A 394 -38.05 0.61 -18.03
C SER A 394 -39.34 0.75 -17.22
N SER A 395 -40.08 1.83 -17.44
CA SER A 395 -41.38 2.15 -16.83
C SER A 395 -42.40 1.04 -17.12
N SER A 396 -42.35 0.47 -18.33
CA SER A 396 -43.34 -0.47 -18.89
C SER A 396 -43.02 -1.94 -18.51
N GLY A 397 -41.89 -2.19 -17.85
CA GLY A 397 -41.42 -3.54 -17.47
C GLY A 397 -40.85 -4.29 -18.66
N ASN A 398 -40.51 -3.58 -19.74
CA ASN A 398 -39.91 -4.14 -20.98
C ASN A 398 -38.40 -4.23 -20.77
N ARG A 399 -37.81 -5.41 -21.01
CA ARG A 399 -36.36 -5.69 -20.80
C ARG A 399 -35.61 -5.59 -22.13
N PHE A 400 -36.31 -5.33 -23.24
CA PHE A 400 -35.75 -5.08 -24.60
C PHE A 400 -34.81 -6.23 -25.00
N ASN A 401 -35.16 -7.48 -24.63
CA ASN A 401 -34.47 -8.72 -25.08
C ASN A 401 -33.01 -8.73 -24.62
N GLN A 402 -32.73 -8.17 -23.44
CA GLN A 402 -31.35 -8.05 -22.86
C GLN A 402 -31.22 -8.93 -21.62
N VAL A 403 -30.00 -9.36 -21.32
CA VAL A 403 -29.59 -9.95 -20.00
C VAL A 403 -28.27 -9.32 -19.57
N VAL A 404 -27.91 -9.49 -18.30
CA VAL A 404 -26.64 -8.99 -17.70
C VAL A 404 -25.82 -10.20 -17.25
N VAL A 405 -24.59 -10.32 -17.76
CA VAL A 405 -23.62 -11.38 -17.37
C VAL A 405 -22.75 -10.83 -16.25
N MET A 406 -22.87 -11.39 -15.04
CA MET A 406 -22.08 -11.02 -13.85
C MET A 406 -20.68 -11.63 -13.98
N ASN A 407 -19.64 -10.88 -13.62
CA ASN A 407 -18.28 -11.45 -13.39
C ASN A 407 -17.56 -10.55 -12.39
N SER A 408 -16.31 -10.86 -12.07
CA SER A 408 -15.54 -10.21 -10.99
C SER A 408 -14.03 -10.23 -11.29
N VAL A 409 -13.32 -9.24 -10.74
CA VAL A 409 -11.84 -9.23 -10.54
C VAL A 409 -11.62 -8.98 -9.05
N GLY A 410 -11.47 -10.05 -8.27
CA GLY A 410 -11.43 -10.02 -6.80
C GLY A 410 -12.76 -9.55 -6.23
N ASN A 411 -12.77 -8.38 -5.57
CA ASN A 411 -13.95 -7.78 -4.88
C ASN A 411 -14.70 -6.84 -5.85
N ASN A 412 -14.08 -6.49 -6.99
CA ASN A 412 -14.71 -5.68 -8.05
C ASN A 412 -15.70 -6.57 -8.83
N CYS A 413 -16.90 -6.07 -9.07
CA CYS A 413 -17.99 -6.73 -9.83
C CYS A 413 -18.11 -6.05 -11.20
N THR A 414 -18.28 -6.85 -12.26
CA THR A 414 -18.55 -6.38 -13.64
C THR A 414 -19.92 -6.90 -14.09
N MET A 415 -20.62 -6.10 -14.89
CA MET A 415 -22.00 -6.39 -15.39
C MET A 415 -22.00 -6.16 -16.90
N ASN A 416 -21.99 -7.25 -17.68
CA ASN A 416 -21.95 -7.18 -19.16
C ASN A 416 -23.37 -7.28 -19.70
N PHE A 417 -23.90 -6.18 -20.24
CA PHE A 417 -25.20 -6.16 -20.97
C PHE A 417 -25.00 -6.90 -22.30
N LYS A 418 -25.93 -7.81 -22.61
CA LYS A 418 -25.96 -8.61 -23.86
C LYS A 418 -27.41 -8.75 -24.32
N ASN A 419 -27.61 -8.87 -25.64
CA ASN A 419 -28.91 -9.28 -26.24
C ASN A 419 -29.01 -10.80 -26.12
N ASN A 420 -30.24 -11.32 -26.03
CA ASN A 420 -30.51 -12.78 -25.94
C ASN A 420 -29.93 -13.49 -27.18
N ASN A 421 -29.76 -12.78 -28.29
CA ASN A 421 -29.19 -13.30 -29.56
C ASN A 421 -27.67 -13.50 -29.45
N GLY A 422 -27.05 -13.08 -28.33
CA GLY A 422 -25.66 -13.40 -27.98
C GLY A 422 -24.71 -12.24 -28.26
N ASN A 423 -25.20 -11.16 -28.88
CA ASN A 423 -24.42 -9.93 -29.18
C ASN A 423 -24.14 -9.18 -27.86
N ASN A 424 -22.93 -8.62 -27.76
CA ASN A 424 -22.45 -7.80 -26.62
C ASN A 424 -22.96 -6.37 -26.79
N ILE A 425 -23.44 -5.75 -25.69
CA ILE A 425 -23.87 -4.31 -25.65
C ILE A 425 -22.83 -3.51 -24.86
N GLY A 426 -22.24 -4.09 -23.80
CA GLY A 426 -21.09 -3.48 -23.10
C GLY A 426 -21.17 -3.62 -21.58
N LEU A 427 -20.03 -3.45 -20.92
CA LEU A 427 -19.92 -3.50 -19.43
C LEU A 427 -20.59 -2.25 -18.86
N LEU A 428 -21.28 -2.38 -17.72
CA LEU A 428 -21.85 -1.23 -16.97
C LEU A 428 -20.70 -0.32 -16.55
N GLY A 429 -20.85 0.98 -16.76
CA GLY A 429 -19.82 2.00 -16.47
C GLY A 429 -20.42 3.39 -16.56
N PHE A 430 -19.62 4.38 -16.96
CA PHE A 430 -20.06 5.79 -17.12
C PHE A 430 -19.31 6.44 -18.29
N LYS A 431 -19.96 7.44 -18.90
CA LYS A 431 -19.41 8.38 -19.90
C LYS A 431 -19.79 9.78 -19.42
N ALA A 432 -18.82 10.55 -18.92
CA ALA A 432 -19.03 11.82 -18.19
C ALA A 432 -20.00 11.54 -17.03
N ASP A 433 -21.16 12.20 -16.99
CA ASP A 433 -22.09 12.21 -15.82
C ASP A 433 -23.21 11.17 -15.98
N THR A 434 -23.13 10.28 -16.96
CA THR A 434 -24.24 9.36 -17.32
C THR A 434 -23.76 7.90 -17.26
N VAL A 435 -24.54 7.03 -16.61
CA VAL A 435 -24.26 5.56 -16.52
C VAL A 435 -24.54 4.96 -17.90
N VAL A 436 -23.66 4.07 -18.37
CA VAL A 436 -23.71 3.51 -19.75
C VAL A 436 -23.36 2.01 -19.71
N ALA A 437 -23.75 1.28 -20.74
CA ALA A 437 -23.09 0.04 -21.21
C ALA A 437 -22.13 0.44 -22.35
N SER A 438 -20.90 -0.05 -22.31
CA SER A 438 -19.81 0.31 -23.27
C SER A 438 -18.91 -0.90 -23.53
N THR A 439 -18.71 -1.24 -24.81
CA THR A 439 -17.75 -2.28 -25.28
C THR A 439 -16.32 -1.72 -25.20
N TRP A 440 -16.15 -0.41 -25.07
CA TRP A 440 -14.83 0.27 -24.92
C TRP A 440 -13.97 -0.43 -23.86
N TYR A 441 -14.57 -0.80 -22.72
CA TYR A 441 -13.87 -1.38 -21.53
C TYR A 441 -13.17 -2.70 -21.89
N TYR A 442 -13.73 -3.47 -22.83
CA TYR A 442 -13.19 -4.80 -23.26
C TYR A 442 -11.70 -4.67 -23.58
N THR A 443 -11.32 -3.63 -24.33
CA THR A 443 -9.97 -3.47 -24.93
C THR A 443 -9.21 -2.31 -24.28
N HIS A 444 -9.69 -1.77 -23.16
CA HIS A 444 -9.10 -0.58 -22.46
C HIS A 444 -9.07 -0.80 -20.94
N MET A 445 -8.89 -2.04 -20.49
CA MET A 445 -8.69 -2.37 -19.05
C MET A 445 -7.27 -1.97 -18.63
N ARG A 446 -7.13 -1.34 -17.46
CA ARG A 446 -5.85 -1.15 -16.74
C ARG A 446 -5.65 -2.34 -15.81
N ASP A 447 -4.58 -3.11 -16.00
CA ASP A 447 -4.30 -4.35 -15.22
C ASP A 447 -3.76 -3.97 -13.84
N HIS A 448 -3.94 -4.87 -12.86
CA HIS A 448 -3.37 -4.79 -11.48
C HIS A 448 -3.69 -3.42 -10.85
N THR A 449 -4.96 -3.02 -10.89
CA THR A 449 -5.47 -1.76 -10.29
C THR A 449 -7.00 -1.82 -10.20
N ASN A 450 -7.56 -1.09 -9.23
CA ASN A 450 -9.02 -0.91 -9.02
C ASN A 450 -9.52 0.27 -9.85
N SER A 451 -8.62 0.98 -10.55
CA SER A 451 -8.88 2.23 -11.32
C SER A 451 -9.51 1.90 -12.69
N ASN A 452 -10.68 1.26 -12.68
CA ASN A 452 -11.47 0.88 -13.88
C ASN A 452 -12.92 1.34 -13.68
N GLY A 453 -13.46 2.10 -14.64
CA GLY A 453 -14.82 2.66 -14.61
C GLY A 453 -15.91 1.59 -14.67
N CYS A 454 -15.56 0.35 -15.06
CA CYS A 454 -16.50 -0.80 -15.18
C CYS A 454 -16.43 -1.69 -13.92
N PHE A 455 -15.77 -1.24 -12.86
CA PHE A 455 -15.63 -1.94 -11.56
C PHE A 455 -16.65 -1.35 -10.57
N TRP A 456 -17.44 -2.23 -9.94
CA TRP A 456 -18.56 -1.87 -9.03
C TRP A 456 -18.47 -2.67 -7.74
N ASN A 457 -18.89 -2.07 -6.62
CA ASN A 457 -19.20 -2.77 -5.36
C ASN A 457 -20.70 -2.62 -5.08
N PHE A 458 -21.30 -3.62 -4.42
CA PHE A 458 -22.72 -3.64 -3.99
C PHE A 458 -22.77 -3.49 -2.47
N ILE A 459 -23.33 -2.38 -1.97
CA ILE A 459 -23.38 -2.04 -0.52
C ILE A 459 -24.77 -2.39 0.03
N SER A 460 -24.85 -3.37 0.93
CA SER A 460 -26.08 -3.72 1.68
C SER A 460 -26.12 -2.89 2.96
N GLU A 461 -27.25 -2.26 3.27
CA GLU A 461 -27.46 -1.47 4.50
C GLU A 461 -27.51 -2.44 5.69
N GLU A 462 -26.66 -2.23 6.71
CA GLU A 462 -26.51 -3.14 7.87
C GLU A 462 -26.24 -2.35 9.15
N HIS A 463 -26.65 -2.90 10.30
CA HIS A 463 -26.52 -2.27 11.64
C HIS A 463 -25.04 -2.12 12.03
N GLY A 464 -24.16 -2.94 11.45
CA GLY A 464 -22.70 -2.90 11.70
C GLY A 464 -22.07 -1.60 11.26
N TRP A 465 -22.63 -0.95 10.23
CA TRP A 465 -22.21 0.39 9.75
C TRP A 465 -23.42 1.33 9.80
N GLN A 466 -23.43 2.28 10.75
CA GLN A 466 -24.54 3.24 10.98
C GLN A 466 -24.13 4.61 10.45
N GLU A 467 -25.07 5.33 9.83
CA GLU A 467 -24.83 6.63 9.16
C GLU A 467 -25.86 7.65 9.67
N LYS A 468 -26.33 7.45 10.90
CA LYS A 468 -27.55 8.08 11.47
C LYS A 468 -27.17 9.41 12.14
N SER B 65 3.78 15.02 -24.73
CA SER B 65 4.26 16.02 -23.73
C SER B 65 3.22 16.18 -22.61
N SER B 66 2.23 17.05 -22.82
CA SER B 66 1.20 17.49 -21.84
C SER B 66 1.77 18.56 -20.89
N SER B 67 3.10 18.64 -20.74
CA SER B 67 3.78 19.55 -19.78
C SER B 67 3.76 20.99 -20.32
N VAL B 68 3.24 21.93 -19.52
CA VAL B 68 3.26 23.40 -19.82
C VAL B 68 4.30 24.09 -18.92
N LEU B 69 5.06 23.33 -18.13
CA LEU B 69 6.22 23.82 -17.33
C LEU B 69 7.10 22.64 -16.92
N ASN B 70 8.36 22.65 -17.36
CA ASN B 70 9.42 21.66 -17.02
C ASN B 70 10.60 22.41 -16.40
N MET B 71 10.75 22.35 -15.07
CA MET B 71 11.87 23.01 -14.34
C MET B 71 13.10 22.09 -14.41
N ARG B 72 14.18 22.55 -15.06
CA ARG B 72 15.45 21.79 -15.24
C ARG B 72 16.65 22.74 -15.15
N TYR B 73 17.80 22.22 -14.74
CA TYR B 73 19.08 22.96 -14.55
C TYR B 73 19.83 23.07 -15.88
N LYS B 74 20.29 24.28 -16.22
CA LYS B 74 21.18 24.55 -17.39
C LYS B 74 22.02 25.81 -17.10
N ASN B 75 23.34 25.70 -17.26
CA ASN B 75 24.31 26.83 -17.26
C ASN B 75 24.21 27.59 -15.93
N ASP B 76 24.35 26.87 -14.81
CA ASP B 76 24.45 27.40 -13.42
C ASP B 76 23.13 28.06 -13.00
N LYS B 77 21.99 27.65 -13.57
CA LYS B 77 20.64 28.16 -13.25
C LYS B 77 19.56 27.19 -13.71
N TYR B 78 18.32 27.43 -13.28
CA TYR B 78 17.12 26.64 -13.64
C TYR B 78 16.35 27.35 -14.76
N VAL B 79 15.91 26.57 -15.75
CA VAL B 79 15.19 27.06 -16.96
C VAL B 79 13.95 26.17 -17.17
N ASP B 80 12.96 26.69 -17.90
CA ASP B 80 11.76 25.95 -18.35
C ASP B 80 12.04 25.35 -19.74
N THR B 81 11.94 24.03 -19.90
CA THR B 81 12.21 23.29 -21.16
C THR B 81 10.91 22.80 -21.81
N SER B 82 9.74 23.23 -21.32
CA SER B 82 8.41 22.83 -21.83
C SER B 82 8.15 23.42 -23.22
N GLY B 83 8.74 24.58 -23.51
CA GLY B 83 8.51 25.35 -24.75
C GLY B 83 7.82 26.68 -24.49
N TYR B 84 7.13 26.80 -23.35
CA TYR B 84 6.41 28.03 -22.91
C TYR B 84 7.41 29.01 -22.27
N ASP B 85 8.64 28.57 -22.05
CA ASP B 85 9.79 29.40 -21.58
C ASP B 85 9.33 30.33 -20.45
N SER B 86 8.78 29.76 -19.36
CA SER B 86 8.56 30.46 -18.08
C SER B 86 9.92 30.86 -17.51
N ASN B 87 10.01 31.99 -16.81
CA ASN B 87 11.27 32.51 -16.22
C ASN B 87 11.40 31.96 -14.79
N ILE B 88 12.58 31.43 -14.44
CA ILE B 88 12.91 30.89 -13.09
C ILE B 88 14.10 31.69 -12.53
N ASN B 89 13.94 32.25 -11.33
CA ASN B 89 14.96 33.10 -10.67
C ASN B 89 15.25 32.55 -9.27
N ILE B 90 16.54 32.52 -8.88
CA ILE B 90 17.03 32.14 -7.52
C ILE B 90 17.31 33.43 -6.74
N ASN B 91 16.79 33.53 -5.52
CA ASN B 91 17.05 34.67 -4.58
C ASN B 91 17.70 34.10 -3.31
N GLY B 92 18.91 34.59 -2.99
CA GLY B 92 19.68 34.17 -1.81
C GLY B 92 20.39 32.83 -2.02
N ASP B 93 20.53 32.05 -0.95
CA ASP B 93 21.33 30.79 -0.92
C ASP B 93 20.39 29.60 -1.18
N VAL B 94 20.43 29.06 -2.40
CA VAL B 94 19.72 27.80 -2.81
C VAL B 94 20.79 26.74 -3.10
N TYR B 95 20.80 25.65 -2.33
CA TYR B 95 21.73 24.51 -2.50
C TYR B 95 21.39 23.77 -3.79
N LYS B 96 22.41 23.40 -4.56
CA LYS B 96 22.30 22.50 -5.74
C LYS B 96 23.11 21.24 -5.42
N TYR B 97 22.47 20.07 -5.46
CA TYR B 97 23.13 18.76 -5.25
C TYR B 97 24.22 18.63 -6.31
N PRO B 98 25.52 18.58 -5.93
CA PRO B 98 26.62 18.52 -6.91
C PRO B 98 26.50 17.37 -7.93
N THR B 99 25.82 16.29 -7.53
CA THR B 99 25.71 15.02 -8.29
C THR B 99 24.44 15.02 -9.16
N ASN B 100 23.51 15.93 -8.90
CA ASN B 100 22.24 16.10 -9.67
C ASN B 100 21.69 17.51 -9.42
N LYS B 101 22.04 18.45 -10.30
CA LYS B 101 21.78 19.90 -10.11
C LYS B 101 20.31 20.21 -10.46
N ASN B 102 19.55 19.23 -10.96
CA ASN B 102 18.07 19.27 -11.04
C ASN B 102 17.49 19.36 -9.61
N GLN B 103 18.19 18.80 -8.63
CA GLN B 103 17.78 18.79 -7.20
C GLN B 103 18.30 20.08 -6.53
N PHE B 104 17.43 20.82 -5.85
CA PHE B 104 17.80 22.03 -5.06
C PHE B 104 17.22 21.94 -3.65
N GLY B 105 17.96 22.49 -2.68
CA GLY B 105 17.54 22.65 -1.28
C GLY B 105 17.19 24.09 -0.98
N ILE B 106 16.12 24.31 -0.22
CA ILE B 106 15.69 25.66 0.26
C ILE B 106 15.75 25.65 1.79
N TYR B 107 16.23 26.76 2.38
CA TYR B 107 16.42 26.97 3.84
C TYR B 107 15.44 28.02 4.35
N ASN B 108 15.26 28.12 5.67
CA ASN B 108 14.39 29.15 6.32
C ASN B 108 15.16 29.93 7.39
N ASP B 109 16.49 29.78 7.46
CA ASP B 109 17.37 30.51 8.42
C ASP B 109 18.08 31.67 7.69
N LYS B 110 17.79 31.86 6.41
CA LYS B 110 18.39 32.90 5.53
C LYS B 110 17.32 33.41 4.55
N LEU B 111 17.72 34.14 3.52
CA LEU B 111 16.94 34.31 2.27
C LEU B 111 17.26 33.13 1.35
N SER B 112 16.23 32.40 0.89
CA SER B 112 16.37 31.16 0.10
C SER B 112 15.00 30.82 -0.53
N GLU B 113 14.83 31.14 -1.80
CA GLU B 113 13.57 30.88 -2.56
C GLU B 113 13.90 30.66 -4.04
N VAL B 114 13.03 29.91 -4.71
CA VAL B 114 12.94 29.84 -6.20
C VAL B 114 11.58 30.42 -6.59
N ASN B 115 11.57 31.43 -7.44
CA ASN B 115 10.34 32.07 -7.97
C ASN B 115 10.27 31.79 -9.47
N ILE B 116 9.27 31.00 -9.88
CA ILE B 116 8.90 30.80 -11.32
C ILE B 116 7.91 31.90 -11.68
N SER B 117 8.29 32.79 -12.60
CA SER B 117 7.39 33.74 -13.30
C SER B 117 6.73 32.99 -14.47
N GLN B 118 5.50 32.52 -14.28
CA GLN B 118 4.78 31.69 -15.27
C GLN B 118 4.54 32.51 -16.55
N ASN B 119 4.71 31.87 -17.70
CA ASN B 119 4.23 32.36 -19.03
C ASN B 119 2.79 32.85 -18.84
N ASP B 120 2.47 34.06 -19.29
CA ASP B 120 1.16 34.73 -19.09
C ASP B 120 0.01 33.79 -19.47
N TYR B 121 0.24 32.88 -20.42
CA TYR B 121 -0.81 32.12 -21.15
C TYR B 121 -0.94 30.69 -20.63
N ILE B 122 -0.05 30.24 -19.73
CA ILE B 122 -0.17 28.93 -19.02
C ILE B 122 -0.86 29.14 -17.67
N ILE B 123 -0.92 30.38 -17.17
CA ILE B 123 -1.43 30.69 -15.80
C ILE B 123 -2.89 30.23 -15.71
N TYR B 124 -3.18 29.29 -14.82
CA TYR B 124 -4.51 28.64 -14.71
C TYR B 124 -5.53 29.66 -14.18
N ASP B 125 -6.59 29.87 -14.97
CA ASP B 125 -7.74 30.77 -14.67
C ASP B 125 -8.96 30.18 -15.37
N ASN B 126 -9.73 29.33 -14.69
CA ASN B 126 -10.74 28.47 -15.35
C ASN B 126 -11.67 27.81 -14.33
N LYS B 127 -12.83 27.35 -14.81
CA LYS B 127 -13.83 26.58 -14.04
C LYS B 127 -13.83 25.11 -14.47
N TYR B 128 -13.31 24.79 -15.67
CA TYR B 128 -13.55 23.50 -16.37
C TYR B 128 -12.26 22.76 -16.74
N LYS B 129 -11.16 23.46 -17.03
CA LYS B 129 -9.93 22.85 -17.61
C LYS B 129 -9.23 21.99 -16.56
N ASN B 130 -8.83 20.77 -16.95
CA ASN B 130 -8.10 19.81 -16.09
C ASN B 130 -6.61 20.20 -16.07
N PHE B 131 -5.94 19.93 -14.95
CA PHE B 131 -4.48 20.19 -14.79
C PHE B 131 -3.92 19.26 -13.72
N SER B 132 -2.62 18.96 -13.82
CA SER B 132 -1.86 18.12 -12.87
C SER B 132 -0.56 18.81 -12.51
N ILE B 133 -0.05 18.51 -11.31
CA ILE B 133 1.27 18.99 -10.79
C ILE B 133 2.04 17.75 -10.32
N SER B 134 3.32 17.66 -10.66
CA SER B 134 4.24 16.60 -10.15
C SER B 134 5.56 17.26 -9.74
N PHE B 135 6.23 16.64 -8.77
CA PHE B 135 7.53 17.06 -8.19
C PHE B 135 7.97 15.96 -7.22
N TRP B 136 9.25 15.91 -6.89
CA TRP B 136 9.75 15.09 -5.77
C TRP B 136 10.13 16.04 -4.64
N VAL B 137 9.91 15.61 -3.40
CA VAL B 137 10.23 16.39 -2.18
C VAL B 137 11.06 15.50 -1.25
N ARG B 138 12.04 16.09 -0.56
CA ARG B 138 12.90 15.42 0.45
C ARG B 138 12.75 16.17 1.79
N ILE B 139 12.18 15.50 2.79
CA ILE B 139 11.84 16.06 4.13
C ILE B 139 12.74 15.40 5.18
N PRO B 140 13.89 16.00 5.56
CA PRO B 140 14.67 15.51 6.69
C PRO B 140 13.93 15.71 8.01
N ASN B 141 14.08 14.77 8.96
CA ASN B 141 13.50 14.87 10.32
C ASN B 141 14.59 15.15 11.35
N TYR B 142 15.87 15.03 10.97
CA TYR B 142 17.06 15.32 11.83
C TYR B 142 17.05 14.39 13.05
N ASP B 143 16.94 14.94 14.27
CA ASP B 143 16.90 14.19 15.55
C ASP B 143 15.49 13.59 15.74
N ASN B 144 14.48 14.14 15.07
CA ASN B 144 13.06 13.67 15.03
C ASN B 144 12.26 14.35 16.16
N LYS B 145 12.92 15.16 16.99
CA LYS B 145 12.31 15.91 18.11
C LYS B 145 11.93 17.32 17.62
N ILE B 146 12.87 17.97 16.91
CA ILE B 146 12.71 19.35 16.34
C ILE B 146 11.46 19.43 15.47
N VAL B 147 11.13 18.36 14.73
CA VAL B 147 10.01 18.29 13.75
C VAL B 147 8.69 17.92 14.46
N ASN B 148 8.76 17.30 15.65
CA ASN B 148 7.59 16.75 16.38
C ASN B 148 6.76 17.91 16.96
N VAL B 149 6.06 18.65 16.09
CA VAL B 149 5.17 19.80 16.46
C VAL B 149 4.02 19.88 15.47
N ASN B 150 2.80 20.16 15.95
CA ASN B 150 1.58 20.32 15.11
C ASN B 150 1.52 21.76 14.60
N ASN B 151 2.15 22.02 13.45
CA ASN B 151 2.14 23.34 12.75
C ASN B 151 2.30 23.13 11.24
N GLU B 152 1.40 23.73 10.45
CA GLU B 152 1.36 23.61 8.97
C GLU B 152 2.13 24.78 8.35
N TYR B 153 3.11 24.48 7.48
CA TYR B 153 3.97 25.48 6.80
C TYR B 153 4.01 25.22 5.29
N THR B 154 3.94 26.30 4.51
CA THR B 154 3.94 26.28 3.03
C THR B 154 5.36 26.01 2.53
N ILE B 155 5.50 25.20 1.48
CA ILE B 155 6.80 24.96 0.77
C ILE B 155 6.69 25.44 -0.68
N ILE B 156 5.55 25.19 -1.36
CA ILE B 156 5.28 25.69 -2.74
C ILE B 156 3.98 26.51 -2.71
N ASN B 157 4.06 27.79 -3.09
CA ASN B 157 2.94 28.77 -3.01
C ASN B 157 2.58 29.23 -4.43
N CYS B 158 1.33 28.98 -4.84
CA CYS B 158 0.75 29.45 -6.12
C CYS B 158 -0.67 29.96 -5.88
N MET B 159 -0.84 30.79 -4.84
CA MET B 159 -2.15 31.40 -4.49
C MET B 159 -2.05 32.93 -4.59
N ARG B 160 -3.09 33.56 -5.14
CA ARG B 160 -3.21 35.02 -5.35
C ARG B 160 -3.52 35.69 -4.01
N ASP B 161 -3.59 37.03 -4.00
CA ASP B 161 -4.03 37.86 -2.85
C ASP B 161 -5.49 37.52 -2.51
N ASN B 162 -6.24 37.04 -3.51
CA ASN B 162 -7.64 36.55 -3.40
C ASN B 162 -7.71 35.28 -2.54
N ASN B 163 -6.58 34.57 -2.42
CA ASN B 163 -6.46 33.24 -1.74
C ASN B 163 -7.02 32.14 -2.67
N SER B 164 -7.25 32.46 -3.95
CA SER B 164 -7.56 31.49 -5.03
C SER B 164 -6.25 30.85 -5.50
N GLY B 165 -6.31 29.59 -5.95
CA GLY B 165 -5.16 28.86 -6.53
C GLY B 165 -4.87 27.59 -5.76
N TRP B 166 -3.60 27.18 -5.73
CA TRP B 166 -3.14 25.98 -4.97
C TRP B 166 -1.88 26.29 -4.18
N LYS B 167 -1.57 25.45 -3.19
CA LYS B 167 -0.30 25.45 -2.44
C LYS B 167 0.01 24.03 -1.95
N VAL B 168 1.30 23.73 -1.85
CA VAL B 168 1.83 22.51 -1.17
C VAL B 168 2.37 22.97 0.18
N SER B 169 1.90 22.35 1.25
CA SER B 169 2.35 22.64 2.64
C SER B 169 2.74 21.32 3.31
N LEU B 170 3.43 21.40 4.44
CA LEU B 170 3.87 20.23 5.23
C LEU B 170 3.39 20.40 6.68
N ASN B 171 3.31 19.28 7.39
CA ASN B 171 3.18 19.19 8.87
C ASN B 171 4.13 18.09 9.33
N HIS B 172 4.13 17.74 10.62
CA HIS B 172 4.92 16.61 11.15
C HIS B 172 4.57 15.35 10.37
N ASN B 173 5.53 14.82 9.60
CA ASN B 173 5.43 13.56 8.82
C ASN B 173 4.21 13.60 7.88
N GLU B 174 3.94 14.74 7.25
CA GLU B 174 2.70 14.95 6.45
C GLU B 174 2.99 15.86 5.24
N ILE B 175 2.38 15.55 4.09
CA ILE B 175 2.34 16.42 2.88
C ILE B 175 0.86 16.77 2.63
N ILE B 176 0.57 18.04 2.31
CA ILE B 176 -0.81 18.57 2.15
C ILE B 176 -0.89 19.38 0.86
N TRP B 177 -1.95 19.15 0.08
CA TRP B 177 -2.32 19.93 -1.14
C TRP B 177 -3.61 20.68 -0.85
N THR B 178 -3.65 21.99 -1.13
CA THR B 178 -4.83 22.86 -0.95
C THR B 178 -5.16 23.53 -2.28
N LEU B 179 -6.41 23.40 -2.74
CA LEU B 179 -6.96 24.01 -3.97
C LEU B 179 -8.20 24.83 -3.59
N GLN B 180 -8.22 26.11 -3.94
CA GLN B 180 -9.27 27.09 -3.50
C GLN B 180 -9.68 27.97 -4.68
N ASP B 181 -10.99 28.20 -4.84
CA ASP B 181 -11.58 29.01 -5.92
C ASP B 181 -11.63 30.49 -5.48
N ASN B 182 -12.19 31.35 -6.32
CA ASN B 182 -12.26 32.83 -6.11
C ASN B 182 -13.24 33.17 -4.98
N ALA B 183 -14.06 32.21 -4.53
CA ALA B 183 -15.12 32.42 -3.52
C ALA B 183 -14.68 31.90 -2.15
N GLY B 184 -13.45 31.37 -2.04
CA GLY B 184 -12.88 30.89 -0.76
C GLY B 184 -13.39 29.50 -0.40
N ILE B 185 -13.93 28.76 -1.38
CA ILE B 185 -14.24 27.30 -1.26
C ILE B 185 -12.97 26.52 -1.63
N ASN B 186 -12.55 25.60 -0.76
CA ASN B 186 -11.30 24.82 -0.97
C ASN B 186 -11.56 23.32 -0.81
N GLN B 187 -10.61 22.52 -1.29
CA GLN B 187 -10.49 21.08 -1.03
C GLN B 187 -9.02 20.80 -0.68
N LYS B 188 -8.77 19.97 0.32
CA LYS B 188 -7.41 19.64 0.83
C LYS B 188 -7.18 18.13 0.73
N LEU B 189 -6.01 17.72 0.23
CA LEU B 189 -5.55 16.31 0.19
C LEU B 189 -4.32 16.18 1.10
N ALA B 190 -4.18 15.05 1.77
CA ALA B 190 -3.10 14.80 2.76
C ALA B 190 -2.51 13.40 2.59
N PHE B 191 -1.19 13.29 2.76
CA PHE B 191 -0.47 12.03 3.02
C PHE B 191 0.27 12.15 4.36
N ASN B 192 -0.08 11.30 5.32
CA ASN B 192 0.56 11.23 6.67
C ASN B 192 1.33 9.91 6.73
N TYR B 193 2.66 9.95 6.58
CA TYR B 193 3.51 8.73 6.49
C TYR B 193 3.93 8.26 7.89
N GLY B 194 3.82 9.13 8.92
CA GLY B 194 4.09 8.76 10.32
C GLY B 194 5.57 8.47 10.57
N ASN B 195 5.92 8.18 11.82
CA ASN B 195 7.33 7.96 12.27
C ASN B 195 7.80 6.59 11.73
N ALA B 196 9.12 6.46 11.51
CA ALA B 196 9.76 5.20 11.09
C ALA B 196 9.37 4.07 12.05
N ASN B 197 8.66 3.07 11.53
CA ASN B 197 8.27 1.83 12.25
C ASN B 197 9.06 0.69 11.60
N GLY B 198 10.26 0.42 12.11
CA GLY B 198 11.30 -0.34 11.39
C GLY B 198 12.07 0.58 10.46
N ILE B 199 11.80 0.50 9.15
CA ILE B 199 12.42 1.36 8.10
C ILE B 199 11.33 2.19 7.42
N SER B 200 11.52 3.50 7.36
CA SER B 200 10.62 4.47 6.68
C SER B 200 10.99 4.59 5.20
N ASP B 201 10.00 4.51 4.31
CA ASP B 201 10.16 4.72 2.84
C ASP B 201 10.12 6.21 2.52
N TYR B 202 9.85 7.07 3.51
CA TYR B 202 9.47 8.49 3.30
C TYR B 202 10.45 9.45 3.98
N ILE B 203 10.83 9.22 5.25
CA ILE B 203 11.61 10.22 6.05
C ILE B 203 13.01 10.37 5.44
N ASN B 204 13.36 11.61 5.06
CA ASN B 204 14.69 12.04 4.52
C ASN B 204 14.93 11.42 3.14
N LYS B 205 13.92 10.81 2.53
CA LYS B 205 13.98 10.16 1.19
C LYS B 205 13.26 11.04 0.18
N TRP B 206 13.67 10.99 -1.09
CA TRP B 206 12.93 11.61 -2.21
C TRP B 206 11.55 10.94 -2.32
N ILE B 207 10.48 11.74 -2.31
CA ILE B 207 9.07 11.28 -2.39
C ILE B 207 8.47 11.89 -3.67
N PHE B 208 8.02 11.05 -4.60
CA PHE B 208 7.34 11.49 -5.84
C PHE B 208 5.88 11.82 -5.49
N VAL B 209 5.53 13.09 -5.63
CA VAL B 209 4.17 13.65 -5.40
C VAL B 209 3.58 13.97 -6.77
N THR B 210 2.30 13.64 -6.98
CA THR B 210 1.52 13.97 -8.20
C THR B 210 0.09 14.30 -7.78
N ILE B 211 -0.39 15.50 -8.09
CA ILE B 211 -1.80 15.91 -7.89
C ILE B 211 -2.47 16.12 -9.25
N THR B 212 -3.51 15.34 -9.54
CA THR B 212 -4.33 15.41 -10.78
C THR B 212 -5.69 15.99 -10.41
N ASN B 213 -6.15 16.98 -11.19
CA ASN B 213 -7.38 17.76 -10.89
C ASN B 213 -8.34 17.57 -12.07
N ASP B 214 -9.47 16.91 -11.80
CA ASP B 214 -10.63 16.79 -12.71
C ASP B 214 -11.74 17.72 -12.19
N ARG B 215 -12.02 18.80 -12.92
CA ARG B 215 -12.95 19.89 -12.51
C ARG B 215 -14.38 19.37 -12.50
N LEU B 216 -14.66 18.29 -13.23
CA LEU B 216 -15.98 17.59 -13.25
C LEU B 216 -15.95 16.34 -12.35
N GLY B 217 -14.87 16.14 -11.59
CA GLY B 217 -14.65 14.94 -10.76
C GLY B 217 -13.90 15.26 -9.49
N ASP B 218 -12.98 14.40 -9.08
CA ASP B 218 -12.23 14.59 -7.80
C ASP B 218 -10.79 15.01 -8.10
N SER B 219 -10.18 15.70 -7.14
CA SER B 219 -8.71 15.90 -7.03
C SER B 219 -8.12 14.65 -6.40
N LYS B 220 -7.04 14.11 -6.98
CA LYS B 220 -6.40 12.83 -6.56
C LYS B 220 -4.95 13.11 -6.16
N LEU B 221 -4.51 12.61 -5.01
CA LEU B 221 -3.12 12.72 -4.52
C LEU B 221 -2.44 11.35 -4.67
N TYR B 222 -1.31 11.31 -5.40
CA TYR B 222 -0.46 10.11 -5.59
C TYR B 222 0.87 10.30 -4.88
N ILE B 223 1.35 9.24 -4.22
CA ILE B 223 2.70 9.19 -3.58
C ILE B 223 3.44 7.98 -4.16
N ASN B 224 4.58 8.21 -4.82
CA ASN B 224 5.42 7.15 -5.43
C ASN B 224 4.54 6.29 -6.35
N GLY B 225 3.67 6.95 -7.13
CA GLY B 225 2.84 6.32 -8.18
C GLY B 225 1.56 5.69 -7.65
N ASN B 226 1.34 5.73 -6.33
CA ASN B 226 0.18 5.06 -5.66
C ASN B 226 -0.86 6.11 -5.27
N LEU B 227 -2.13 5.84 -5.54
CA LEU B 227 -3.28 6.71 -5.17
C LEU B 227 -3.48 6.64 -3.66
N ILE B 228 -3.36 7.80 -2.97
CA ILE B 228 -3.39 7.91 -1.49
C ILE B 228 -4.74 8.51 -1.05
N ASP B 229 -5.12 9.64 -1.65
CA ASP B 229 -6.26 10.48 -1.21
C ASP B 229 -6.92 11.07 -2.45
N GLN B 230 -8.26 11.09 -2.48
CA GLN B 230 -9.03 11.77 -3.56
C GLN B 230 -10.32 12.34 -2.98
N LYS B 231 -10.62 13.60 -3.31
CA LYS B 231 -11.82 14.32 -2.83
C LYS B 231 -12.41 15.11 -4.00
N SER B 232 -13.74 15.14 -4.08
CA SER B 232 -14.51 15.85 -5.14
C SER B 232 -14.17 17.35 -5.08
N ILE B 233 -13.91 17.97 -6.24
CA ILE B 233 -13.76 19.44 -6.38
C ILE B 233 -14.89 19.98 -7.27
N LEU B 234 -16.01 19.26 -7.36
CA LEU B 234 -17.18 19.66 -8.21
C LEU B 234 -17.79 20.97 -7.69
N ASN B 235 -17.69 21.22 -6.37
CA ASN B 235 -18.22 22.43 -5.69
C ASN B 235 -17.39 23.67 -6.06
N LEU B 236 -16.12 23.49 -6.47
CA LEU B 236 -15.16 24.59 -6.70
C LEU B 236 -15.53 25.32 -8.01
N GLY B 237 -15.67 26.65 -7.94
CA GLY B 237 -15.95 27.53 -9.08
C GLY B 237 -14.67 27.93 -9.80
N ASN B 238 -14.54 29.20 -10.20
CA ASN B 238 -13.37 29.70 -10.95
C ASN B 238 -12.15 29.72 -10.02
N ILE B 239 -11.09 28.99 -10.41
CA ILE B 239 -9.78 28.99 -9.71
C ILE B 239 -8.81 29.80 -10.57
N HIS B 240 -8.24 30.86 -10.00
CA HIS B 240 -7.19 31.69 -10.61
C HIS B 240 -5.93 31.57 -9.74
N VAL B 241 -4.91 30.89 -10.25
CA VAL B 241 -3.63 30.65 -9.52
C VAL B 241 -2.79 31.92 -9.63
N SER B 242 -1.79 32.05 -8.76
CA SER B 242 -0.80 33.16 -8.76
C SER B 242 -0.02 33.15 -10.08
N ASP B 243 0.34 34.33 -10.58
CA ASP B 243 1.28 34.50 -11.72
C ASP B 243 2.62 33.86 -11.35
N ASN B 244 2.96 33.87 -10.05
CA ASN B 244 4.25 33.35 -9.54
C ASN B 244 4.01 32.04 -8.78
N ILE B 245 4.93 31.08 -8.93
CA ILE B 245 5.08 29.87 -8.08
C ILE B 245 6.31 30.09 -7.20
N LEU B 246 6.13 30.17 -5.87
CA LEU B 246 7.20 30.52 -4.91
C LEU B 246 7.60 29.27 -4.11
N PHE B 247 8.77 28.71 -4.40
CA PHE B 247 9.39 27.60 -3.63
C PHE B 247 10.14 28.19 -2.44
N LYS B 248 9.47 28.27 -1.29
CA LYS B 248 10.01 28.91 -0.07
C LYS B 248 9.33 28.29 1.17
N ILE B 249 10.09 28.07 2.25
CA ILE B 249 9.59 27.55 3.55
C ILE B 249 9.07 28.75 4.35
N VAL B 250 7.74 28.82 4.53
CA VAL B 250 7.02 29.96 5.18
C VAL B 250 6.25 29.43 6.40
N ASN B 251 6.47 30.06 7.56
CA ASN B 251 5.73 29.85 8.84
C ASN B 251 6.14 28.52 9.50
N CYS B 252 7.30 27.96 9.14
CA CYS B 252 7.92 26.83 9.87
C CYS B 252 8.56 27.38 11.14
N SER B 253 8.20 26.83 12.30
CA SER B 253 8.64 27.30 13.65
C SER B 253 10.14 27.08 13.81
N TYR B 254 10.61 25.86 13.59
CA TYR B 254 12.03 25.43 13.71
C TYR B 254 12.75 25.72 12.40
N THR B 255 14.10 25.71 12.43
CA THR B 255 14.97 25.94 11.25
C THR B 255 15.24 24.58 10.58
N ARG B 256 15.09 24.52 9.25
CA ARG B 256 15.20 23.27 8.46
C ARG B 256 15.51 23.60 6.99
N TYR B 257 15.63 22.57 6.15
CA TYR B 257 15.68 22.68 4.67
C TYR B 257 14.79 21.59 4.05
N ILE B 258 14.39 21.82 2.80
CA ILE B 258 13.50 20.90 2.01
C ILE B 258 14.11 20.75 0.62
N GLY B 259 14.15 19.52 0.12
CA GLY B 259 14.62 19.19 -1.24
C GLY B 259 13.46 19.16 -2.23
N ILE B 260 13.63 19.78 -3.39
CA ILE B 260 12.65 19.80 -4.53
C ILE B 260 13.39 19.37 -5.79
N ARG B 261 12.73 18.64 -6.70
CA ARG B 261 13.30 18.29 -8.03
C ARG B 261 12.17 17.94 -9.02
N TYR B 262 12.42 18.24 -10.30
CA TYR B 262 11.61 17.83 -11.47
C TYR B 262 10.17 18.37 -11.36
N PHE B 263 10.00 19.58 -10.81
CA PHE B 263 8.69 20.24 -10.72
C PHE B 263 8.11 20.37 -12.14
N ASN B 264 6.86 19.93 -12.33
CA ASN B 264 6.14 19.96 -13.63
C ASN B 264 4.69 20.41 -13.40
N ILE B 265 4.13 21.14 -14.38
CA ILE B 265 2.67 21.38 -14.52
C ILE B 265 2.23 20.80 -15.87
N PHE B 266 1.09 20.10 -15.88
CA PHE B 266 0.48 19.49 -17.09
C PHE B 266 -0.91 20.10 -17.29
N ASP B 267 -1.31 20.23 -18.56
CA ASP B 267 -2.59 20.89 -18.97
C ASP B 267 -3.70 19.83 -19.11
N LYS B 268 -3.63 18.75 -18.33
CA LYS B 268 -4.65 17.67 -18.31
C LYS B 268 -4.53 16.88 -17.01
N GLU B 269 -5.54 16.06 -16.72
CA GLU B 269 -5.54 15.06 -15.63
C GLU B 269 -4.72 13.85 -16.10
N LEU B 270 -3.52 13.65 -15.56
CA LEU B 270 -2.69 12.44 -15.82
C LEU B 270 -3.45 11.21 -15.30
N ASP B 271 -3.32 10.07 -16.00
CA ASP B 271 -3.84 8.75 -15.53
C ASP B 271 -2.70 8.01 -14.83
N GLU B 272 -3.03 6.91 -14.14
CA GLU B 272 -2.10 6.11 -13.30
C GLU B 272 -0.88 5.69 -14.14
N THR B 273 -1.09 5.25 -15.38
CA THR B 273 -0.06 4.74 -16.31
C THR B 273 0.99 5.83 -16.59
N GLU B 274 0.55 7.07 -16.83
CA GLU B 274 1.45 8.23 -17.10
C GLU B 274 2.20 8.61 -15.82
N ILE B 275 1.53 8.54 -14.66
CA ILE B 275 2.12 8.87 -13.34
C ILE B 275 3.27 7.90 -13.04
N GLN B 276 3.04 6.59 -13.21
CA GLN B 276 4.05 5.51 -12.99
C GLN B 276 5.22 5.67 -13.97
N THR B 277 4.97 6.17 -15.18
CA THR B 277 6.01 6.41 -16.23
C THR B 277 6.94 7.53 -15.77
N LEU B 278 6.40 8.62 -15.22
CA LEU B 278 7.17 9.75 -14.64
C LEU B 278 7.98 9.25 -13.43
N TYR B 279 7.37 8.45 -12.57
CA TYR B 279 7.94 7.94 -11.30
C TYR B 279 9.27 7.21 -11.59
N SER B 280 9.30 6.35 -12.60
CA SER B 280 10.45 5.47 -12.95
C SER B 280 11.50 6.25 -13.77
N ASN B 281 11.07 7.09 -14.70
CA ASN B 281 11.95 7.72 -15.74
C ASN B 281 12.77 8.87 -15.15
N GLU B 282 12.11 9.81 -14.44
CA GLU B 282 12.68 11.11 -14.04
C GLU B 282 13.98 10.93 -13.25
N PRO B 283 14.06 10.00 -12.26
CA PRO B 283 15.30 9.78 -11.51
C PRO B 283 16.51 9.38 -12.37
N ASN B 284 16.28 8.75 -13.54
CA ASN B 284 17.31 8.18 -14.46
C ASN B 284 17.69 6.78 -13.95
N THR B 285 17.02 5.75 -14.49
CA THR B 285 17.09 4.34 -14.00
C THR B 285 18.48 3.74 -14.25
N ASN B 286 19.21 4.23 -15.27
CA ASN B 286 20.57 3.75 -15.65
C ASN B 286 21.55 3.97 -14.48
N ILE B 287 21.27 4.94 -13.59
CA ILE B 287 22.12 5.24 -12.40
C ILE B 287 21.47 4.63 -11.15
N LEU B 288 22.24 3.87 -10.37
CA LEU B 288 21.78 3.21 -9.12
C LEU B 288 21.51 4.29 -8.05
N LYS B 289 20.56 4.01 -7.16
CA LYS B 289 20.13 4.91 -6.06
C LYS B 289 20.74 4.43 -4.74
N ASP B 290 21.09 5.37 -3.85
CA ASP B 290 21.41 5.08 -2.43
C ASP B 290 20.08 4.97 -1.67
N PHE B 291 20.14 4.82 -0.35
CA PHE B 291 18.96 4.63 0.54
C PHE B 291 17.99 5.80 0.36
N TRP B 292 18.53 7.01 0.29
CA TRP B 292 17.75 8.28 0.34
C TRP B 292 17.10 8.59 -1.02
N GLY B 293 17.45 7.86 -2.07
CA GLY B 293 16.93 8.05 -3.43
C GLY B 293 17.86 8.91 -4.28
N ASN B 294 19.01 9.30 -3.72
CA ASN B 294 20.10 10.02 -4.45
C ASN B 294 20.88 9.00 -5.28
N TYR B 295 21.68 9.49 -6.22
CA TYR B 295 22.60 8.67 -7.07
C TYR B 295 23.63 7.98 -6.18
N LEU B 296 23.82 6.68 -6.38
CA LEU B 296 24.89 5.89 -5.70
C LEU B 296 26.23 6.38 -6.22
N LEU B 297 27.23 6.51 -5.34
CA LEU B 297 28.55 7.12 -5.65
C LEU B 297 29.70 6.14 -5.36
N TYR B 298 30.76 6.20 -6.19
CA TYR B 298 32.08 5.55 -5.94
C TYR B 298 32.80 6.34 -4.85
N ASP B 299 33.75 5.69 -4.16
CA ASP B 299 34.68 6.35 -3.20
C ASP B 299 33.86 7.03 -2.09
N LYS B 300 32.83 6.35 -1.58
CA LYS B 300 31.93 6.88 -0.52
C LYS B 300 31.54 5.76 0.44
N GLU B 301 31.71 5.99 1.75
CA GLU B 301 31.36 5.03 2.83
C GLU B 301 29.84 4.86 2.88
N TYR B 302 29.36 3.61 2.92
CA TYR B 302 27.93 3.23 3.04
C TYR B 302 27.77 2.11 4.06
N TYR B 303 26.73 2.19 4.89
CA TYR B 303 26.18 1.02 5.64
C TYR B 303 25.33 0.20 4.66
N LEU B 304 25.12 -1.08 4.97
CA LEU B 304 24.32 -2.00 4.13
C LEU B 304 22.98 -2.31 4.82
N LEU B 305 21.89 -2.22 4.06
CA LEU B 305 20.56 -2.75 4.46
C LEU B 305 20.19 -3.88 3.49
N ASN B 306 19.97 -5.08 4.02
CA ASN B 306 19.30 -6.18 3.27
C ASN B 306 17.79 -5.95 3.38
N VAL B 307 17.12 -5.80 2.23
CA VAL B 307 15.72 -5.33 2.13
C VAL B 307 14.76 -6.42 2.68
N LEU B 308 15.14 -7.69 2.58
CA LEU B 308 14.35 -8.85 3.10
C LEU B 308 14.51 -8.97 4.62
N LYS B 309 15.62 -8.45 5.17
CA LYS B 309 15.96 -8.50 6.63
C LYS B 309 16.18 -7.08 7.15
N PRO B 310 15.14 -6.21 7.15
CA PRO B 310 15.32 -4.80 7.49
C PRO B 310 15.71 -4.56 8.96
N ASN B 311 15.49 -5.56 9.82
CA ASN B 311 15.77 -5.49 11.28
C ASN B 311 17.19 -6.03 11.59
N ASN B 312 17.90 -6.52 10.57
CA ASN B 312 19.24 -7.13 10.71
C ASN B 312 20.31 -6.19 10.14
N PHE B 313 21.56 -6.33 10.59
CA PHE B 313 22.76 -5.64 10.07
C PHE B 313 23.94 -6.61 9.94
N ILE B 314 24.90 -6.27 9.08
CA ILE B 314 26.10 -7.10 8.75
C ILE B 314 27.22 -6.74 9.73
N ASP B 315 27.81 -7.75 10.36
CA ASP B 315 29.01 -7.59 11.23
C ASP B 315 30.12 -8.50 10.73
N ARG B 316 31.37 -8.09 10.99
CA ARG B 316 32.60 -8.87 10.71
C ARG B 316 32.75 -9.94 11.78
N ARG B 317 33.12 -11.17 11.39
CA ARG B 317 33.50 -12.28 12.32
C ARG B 317 35.04 -12.29 12.42
N LYS B 318 35.60 -13.18 13.25
CA LYS B 318 37.07 -13.29 13.50
C LYS B 318 37.71 -14.15 12.41
N ASP B 319 36.94 -15.04 11.77
CA ASP B 319 37.37 -15.86 10.61
C ASP B 319 37.22 -15.05 9.31
N SER B 320 36.91 -13.75 9.42
CA SER B 320 36.89 -12.76 8.32
C SER B 320 35.64 -12.92 7.45
N THR B 321 34.69 -13.77 7.85
CA THR B 321 33.37 -13.93 7.19
C THR B 321 32.44 -12.82 7.71
N LEU B 322 31.21 -12.76 7.19
CA LEU B 322 30.22 -11.71 7.54
C LEU B 322 28.93 -12.37 8.03
N SER B 323 28.48 -11.98 9.23
CA SER B 323 27.24 -12.47 9.88
C SER B 323 26.10 -11.48 9.57
N ILE B 324 24.87 -11.98 9.45
CA ILE B 324 23.64 -11.14 9.26
C ILE B 324 22.65 -11.40 10.40
N ASN B 325 23.04 -12.22 11.39
CA ASN B 325 22.18 -12.56 12.56
C ASN B 325 22.43 -11.57 13.69
N ASN B 326 22.51 -10.28 13.35
CA ASN B 326 22.64 -9.14 14.31
C ASN B 326 21.39 -8.29 14.20
N ILE B 327 20.68 -8.09 15.31
CA ILE B 327 19.41 -7.30 15.35
C ILE B 327 19.74 -5.82 15.55
N ARG B 328 19.20 -4.96 14.69
CA ARG B 328 19.24 -3.48 14.85
C ARG B 328 18.48 -3.10 16.13
N SER B 329 19.11 -2.27 16.97
CA SER B 329 18.45 -1.62 18.12
C SER B 329 17.54 -0.51 17.59
N THR B 330 16.49 -0.15 18.35
CA THR B 330 15.45 0.81 17.93
C THR B 330 15.60 2.12 18.73
N ILE B 331 15.40 3.26 18.07
CA ILE B 331 15.10 4.58 18.72
C ILE B 331 13.60 4.81 18.58
N LEU B 332 12.87 4.63 19.69
CA LEU B 332 11.39 4.46 19.72
C LEU B 332 11.05 3.22 18.88
N LEU B 333 10.38 3.37 17.73
CA LEU B 333 10.02 2.23 16.82
C LEU B 333 10.96 2.21 15.60
N ALA B 334 11.84 3.20 15.46
CA ALA B 334 12.75 3.37 14.29
C ALA B 334 14.01 2.54 14.50
N ASN B 335 14.30 1.63 13.55
CA ASN B 335 15.57 0.88 13.48
C ASN B 335 16.72 1.88 13.34
N ARG B 336 17.85 1.63 14.00
CA ARG B 336 19.12 2.38 13.78
C ARG B 336 19.62 2.02 12.37
N LEU B 337 20.02 3.04 11.59
CA LEU B 337 20.51 2.89 10.20
C LEU B 337 22.05 2.78 10.18
N TYR B 338 22.72 3.41 11.16
CA TYR B 338 24.21 3.55 11.18
C TYR B 338 24.81 2.45 12.06
N SER B 339 24.52 1.19 11.72
CA SER B 339 24.94 -0.04 12.45
C SER B 339 25.61 -1.00 11.47
N GLY B 340 26.61 -1.76 11.95
CA GLY B 340 27.28 -2.82 11.19
C GLY B 340 28.38 -2.26 10.31
N ILE B 341 28.87 -3.07 9.37
CA ILE B 341 30.08 -2.77 8.54
C ILE B 341 29.74 -1.64 7.58
N LYS B 342 30.76 -0.85 7.21
CA LYS B 342 30.69 0.16 6.13
C LYS B 342 31.49 -0.37 4.93
N VAL B 343 31.03 -0.10 3.71
CA VAL B 343 31.71 -0.50 2.45
C VAL B 343 31.91 0.75 1.58
N LYS B 344 32.89 0.68 0.69
CA LYS B 344 33.13 1.66 -0.41
C LYS B 344 33.15 0.90 -1.74
N ILE B 345 32.54 1.48 -2.77
CA ILE B 345 32.49 0.91 -4.15
C ILE B 345 33.59 1.60 -4.95
N GLN B 346 34.36 0.82 -5.71
CA GLN B 346 35.55 1.28 -6.49
C GLN B 346 35.47 0.72 -7.91
N ARG B 347 35.67 1.58 -8.91
CA ARG B 347 35.75 1.19 -10.35
C ARG B 347 36.93 0.23 -10.55
N VAL B 348 36.76 -0.79 -11.40
CA VAL B 348 37.84 -1.72 -11.81
C VAL B 348 38.78 -0.97 -12.76
N ASN B 349 38.23 -0.34 -13.81
CA ASN B 349 38.97 0.47 -14.82
C ASN B 349 38.74 1.96 -14.55
N ASN B 350 39.76 2.66 -14.03
CA ASN B 350 39.73 4.10 -13.70
C ASN B 350 40.08 4.94 -14.94
N SER B 351 39.70 6.22 -14.92
CA SER B 351 39.92 7.21 -16.01
C SER B 351 39.65 8.63 -15.47
N SER B 352 39.86 9.65 -16.31
CA SER B 352 39.55 11.08 -16.02
C SER B 352 38.10 11.38 -16.43
N THR B 353 37.66 10.85 -17.58
CA THR B 353 36.29 10.99 -18.14
C THR B 353 35.26 10.45 -17.13
N ASN B 354 35.61 9.37 -16.42
CA ASN B 354 34.74 8.71 -15.40
C ASN B 354 34.36 9.71 -14.31
N ASP B 355 33.05 9.95 -14.12
CA ASP B 355 32.49 10.66 -12.94
C ASP B 355 32.37 9.64 -11.79
N ASN B 356 31.76 10.04 -10.67
CA ASN B 356 31.69 9.21 -9.43
C ASN B 356 30.35 8.47 -9.35
N LEU B 357 29.58 8.40 -10.44
CA LEU B 357 28.22 7.80 -10.47
C LEU B 357 28.31 6.30 -10.78
N VAL B 358 27.61 5.47 -10.01
CA VAL B 358 27.53 4.00 -10.20
C VAL B 358 26.36 3.70 -11.13
N ARG B 359 26.66 3.17 -12.32
CA ARG B 359 25.66 2.90 -13.40
C ARG B 359 25.39 1.39 -13.46
N LYS B 360 24.24 1.01 -14.01
CA LYS B 360 23.87 -0.39 -14.33
C LYS B 360 25.04 -1.05 -15.08
N ASN B 361 25.43 -2.25 -14.64
CA ASN B 361 26.38 -3.18 -15.31
C ASN B 361 27.84 -2.70 -15.16
N ASP B 362 28.10 -1.64 -14.37
CA ASP B 362 29.46 -1.22 -13.99
C ASP B 362 30.14 -2.36 -13.25
N GLN B 363 31.38 -2.71 -13.62
CA GLN B 363 32.24 -3.66 -12.88
C GLN B 363 32.95 -2.87 -11.79
N VAL B 364 32.85 -3.33 -10.54
CA VAL B 364 33.40 -2.62 -9.34
C VAL B 364 34.10 -3.63 -8.42
N TYR B 365 34.80 -3.11 -7.41
CA TYR B 365 35.22 -3.86 -6.19
C TYR B 365 34.39 -3.33 -5.02
N ILE B 366 33.91 -4.23 -4.17
CA ILE B 366 33.30 -3.88 -2.84
C ILE B 366 34.42 -3.94 -1.80
N ASN B 367 34.78 -2.80 -1.21
CA ASN B 367 35.88 -2.69 -0.21
C ASN B 367 35.26 -2.61 1.19
N PHE B 368 35.70 -3.47 2.10
CA PHE B 368 35.42 -3.40 3.56
C PHE B 368 36.18 -2.20 4.14
N VAL B 369 35.49 -1.33 4.88
CA VAL B 369 36.11 -0.19 5.61
C VAL B 369 36.65 -0.71 6.95
N ALA B 370 37.98 -0.79 7.08
CA ALA B 370 38.72 -1.32 8.25
C ALA B 370 39.01 -0.17 9.23
N SER B 371 40.10 -0.28 10.00
CA SER B 371 40.42 0.56 11.19
C SER B 371 40.24 2.06 10.88
N LYS B 372 40.91 2.56 9.84
CA LYS B 372 40.99 4.02 9.51
C LYS B 372 40.95 4.22 7.99
N THR B 373 42.08 4.55 7.38
CA THR B 373 42.24 4.76 5.91
C THR B 373 42.20 3.41 5.19
N HIS B 374 42.45 2.30 5.91
CA HIS B 374 42.67 0.94 5.37
C HIS B 374 41.37 0.38 4.77
N LEU B 375 41.44 -0.12 3.53
CA LEU B 375 40.31 -0.72 2.78
C LEU B 375 40.73 -2.11 2.27
N PHE B 376 40.01 -3.16 2.66
CA PHE B 376 40.25 -4.58 2.27
C PHE B 376 39.15 -5.05 1.32
N PRO B 377 39.50 -5.74 0.21
CA PRO B 377 38.50 -6.25 -0.72
C PRO B 377 37.55 -7.29 -0.11
N LEU B 378 36.28 -7.27 -0.53
CA LEU B 378 35.32 -8.40 -0.32
C LEU B 378 35.45 -9.34 -1.50
N TYR B 379 35.38 -10.66 -1.25
CA TYR B 379 35.46 -11.71 -2.28
C TYR B 379 34.60 -12.90 -1.84
N ALA B 380 34.18 -13.73 -2.80
CA ALA B 380 33.45 -15.01 -2.57
C ALA B 380 34.47 -16.15 -2.52
N ASP B 381 34.49 -16.89 -1.41
CA ASP B 381 35.35 -18.10 -1.21
C ASP B 381 34.76 -19.25 -2.05
N THR B 382 35.39 -19.53 -3.19
CA THR B 382 34.93 -20.52 -4.21
C THR B 382 35.46 -21.93 -3.88
N ALA B 383 36.40 -22.04 -2.94
CA ALA B 383 37.03 -23.32 -2.52
C ALA B 383 36.10 -24.07 -1.56
N THR B 384 34.95 -24.53 -2.08
CA THR B 384 33.92 -25.32 -1.33
C THR B 384 33.10 -26.13 -2.35
N THR B 385 32.52 -27.25 -1.90
CA THR B 385 31.64 -28.15 -2.70
C THR B 385 30.18 -27.91 -2.28
N ASN B 386 29.85 -26.69 -1.85
CA ASN B 386 28.48 -26.24 -1.50
C ASN B 386 28.15 -25.03 -2.40
N LYS B 387 26.89 -24.93 -2.84
CA LYS B 387 26.46 -24.06 -3.98
C LYS B 387 26.61 -22.58 -3.60
N GLU B 388 26.14 -22.19 -2.41
CA GLU B 388 26.34 -20.82 -1.86
C GLU B 388 27.82 -20.64 -1.50
N LYS B 389 28.41 -19.49 -1.85
CA LYS B 389 29.85 -19.17 -1.64
C LYS B 389 30.00 -18.08 -0.57
N THR B 390 30.68 -18.39 0.52
CA THR B 390 30.87 -17.50 1.70
C THR B 390 31.65 -16.25 1.28
N ILE B 391 31.15 -15.07 1.64
CA ILE B 391 31.84 -13.77 1.42
C ILE B 391 32.86 -13.58 2.54
N LYS B 392 34.12 -13.28 2.18
CA LYS B 392 35.25 -13.10 3.12
C LYS B 392 35.95 -11.77 2.84
N ILE B 393 36.51 -11.15 3.88
CA ILE B 393 37.40 -9.96 3.80
C ILE B 393 38.82 -10.47 3.53
N SER B 394 39.47 -9.96 2.48
CA SER B 394 40.85 -10.31 2.07
C SER B 394 41.85 -9.40 2.81
N SER B 395 42.54 -9.93 3.82
CA SER B 395 43.55 -9.20 4.64
C SER B 395 44.74 -8.79 3.75
N SER B 396 45.11 -9.64 2.78
CA SER B 396 46.31 -9.47 1.91
C SER B 396 46.11 -8.36 0.87
N GLY B 397 44.85 -8.03 0.55
CA GLY B 397 44.51 -7.07 -0.52
C GLY B 397 44.38 -7.77 -1.87
N ASN B 398 44.26 -9.10 -1.86
CA ASN B 398 44.06 -9.96 -3.06
C ASN B 398 42.57 -9.94 -3.43
N ARG B 399 42.25 -9.71 -4.72
CA ARG B 399 40.86 -9.64 -5.25
C ARG B 399 40.35 -11.06 -5.56
N PHE B 400 41.26 -12.03 -5.62
CA PHE B 400 41.00 -13.48 -5.91
C PHE B 400 40.40 -13.62 -7.32
N ASN B 401 40.87 -12.79 -8.26
CA ASN B 401 40.49 -12.82 -9.70
C ASN B 401 38.96 -12.72 -9.84
N GLN B 402 38.35 -11.76 -9.14
CA GLN B 402 36.88 -11.56 -9.08
C GLN B 402 36.55 -10.08 -9.30
N VAL B 403 35.37 -9.81 -9.87
CA VAL B 403 34.74 -8.46 -9.94
C VAL B 403 33.28 -8.59 -9.49
N VAL B 404 32.67 -7.46 -9.16
CA VAL B 404 31.21 -7.35 -8.85
C VAL B 404 30.57 -6.49 -9.94
N VAL B 405 29.49 -7.00 -10.56
CA VAL B 405 28.65 -6.24 -11.52
C VAL B 405 27.49 -5.61 -10.75
N MET B 406 27.41 -4.28 -10.75
CA MET B 406 26.30 -3.49 -10.15
C MET B 406 25.08 -3.58 -11.07
N ASN B 407 23.89 -3.74 -10.49
CA ASN B 407 22.58 -3.59 -11.18
C ASN B 407 21.51 -3.23 -10.15
N SER B 408 20.28 -2.98 -10.60
CA SER B 408 19.18 -2.48 -9.74
C SER B 408 17.81 -2.96 -10.23
N VAL B 409 16.84 -2.95 -9.31
CA VAL B 409 15.38 -3.04 -9.59
C VAL B 409 14.71 -1.92 -8.77
N GLY B 410 14.53 -0.76 -9.38
CA GLY B 410 14.14 0.49 -8.69
C GLY B 410 15.25 0.97 -7.77
N ASN B 411 14.95 1.08 -6.46
CA ASN B 411 15.87 1.59 -5.43
C ASN B 411 16.63 0.41 -4.78
N ASN B 412 16.30 -0.82 -5.14
CA ASN B 412 16.99 -2.05 -4.66
C ASN B 412 18.18 -2.34 -5.56
N CYS B 413 19.38 -2.43 -4.98
CA CYS B 413 20.65 -2.68 -5.70
C CYS B 413 21.03 -4.16 -5.59
N THR B 414 21.56 -4.72 -6.67
CA THR B 414 22.10 -6.11 -6.73
C THR B 414 23.61 -6.04 -6.98
N MET B 415 24.34 -7.03 -6.47
CA MET B 415 25.82 -7.15 -6.60
C MET B 415 26.12 -8.58 -7.06
N ASN B 416 26.45 -8.74 -8.34
CA ASN B 416 26.75 -10.05 -8.96
C ASN B 416 28.27 -10.27 -8.98
N PHE B 417 28.76 -11.16 -8.12
CA PHE B 417 30.17 -11.63 -8.08
C PHE B 417 30.41 -12.51 -9.32
N LYS B 418 31.47 -12.17 -10.07
CA LYS B 418 31.95 -12.93 -11.26
C LYS B 418 33.47 -13.07 -11.19
N ASN B 419 34.00 -14.22 -11.61
CA ASN B 419 35.45 -14.43 -11.85
C ASN B 419 35.84 -13.61 -13.10
N ASN B 420 37.11 -13.22 -13.20
CA ASN B 420 37.65 -12.39 -14.32
C ASN B 420 37.61 -13.19 -15.65
N ASN B 421 37.41 -14.51 -15.58
CA ASN B 421 37.17 -15.37 -16.78
C ASN B 421 35.71 -15.24 -17.23
N GLY B 422 34.88 -14.53 -16.47
CA GLY B 422 33.51 -14.12 -16.86
C GLY B 422 32.45 -15.10 -16.39
N ASN B 423 32.79 -16.02 -15.48
CA ASN B 423 31.85 -17.01 -14.92
C ASN B 423 31.11 -16.39 -13.72
N ASN B 424 29.82 -16.71 -13.57
CA ASN B 424 28.95 -16.20 -12.47
C ASN B 424 29.26 -16.97 -11.17
N ILE B 425 29.49 -16.24 -10.08
CA ILE B 425 29.62 -16.79 -8.70
C ILE B 425 28.23 -16.76 -8.05
N GLY B 426 27.56 -15.60 -8.12
CA GLY B 426 26.18 -15.41 -7.62
C GLY B 426 25.94 -13.98 -7.16
N LEU B 427 24.70 -13.65 -6.85
CA LEU B 427 24.30 -12.32 -6.29
C LEU B 427 24.61 -12.30 -4.80
N LEU B 428 25.06 -11.16 -4.28
CA LEU B 428 25.25 -10.95 -2.82
C LEU B 428 23.91 -11.19 -2.13
N GLY B 429 23.92 -11.99 -1.07
CA GLY B 429 22.71 -12.36 -0.30
C GLY B 429 23.12 -13.02 1.02
N PHE B 430 22.28 -13.91 1.53
CA PHE B 430 22.56 -14.65 2.79
C PHE B 430 22.02 -16.08 2.68
N LYS B 431 22.68 -16.99 3.40
CA LYS B 431 22.26 -18.39 3.65
C LYS B 431 22.36 -18.61 5.17
N ALA B 432 21.23 -18.91 5.83
CA ALA B 432 21.10 -18.93 7.30
C ALA B 432 21.65 -17.60 7.84
N ASP B 433 22.74 -17.64 8.62
CA ASP B 433 23.26 -16.49 9.40
C ASP B 433 24.47 -15.86 8.70
N THR B 434 24.89 -16.37 7.54
CA THR B 434 26.15 -15.92 6.85
C THR B 434 25.81 -15.24 5.52
N VAL B 435 26.54 -14.17 5.20
CA VAL B 435 26.45 -13.44 3.90
C VAL B 435 27.18 -14.27 2.84
N VAL B 436 26.56 -14.44 1.67
CA VAL B 436 27.04 -15.34 0.59
C VAL B 436 26.83 -14.66 -0.76
N ALA B 437 27.52 -15.16 -1.79
CA ALA B 437 27.17 -15.03 -3.22
C ALA B 437 26.50 -16.34 -3.63
N SER B 438 25.35 -16.27 -4.30
CA SER B 438 24.53 -17.45 -4.69
C SER B 438 23.87 -17.21 -6.05
N THR B 439 23.89 -18.24 -6.91
CA THR B 439 23.23 -18.26 -8.25
C THR B 439 21.77 -18.68 -8.10
N TRP B 440 21.37 -19.17 -6.92
CA TRP B 440 19.97 -19.57 -6.58
C TRP B 440 18.99 -18.45 -6.95
N TYR B 441 19.38 -17.20 -6.70
CA TYR B 441 18.53 -15.99 -6.82
C TYR B 441 18.11 -15.78 -8.30
N TYR B 442 18.99 -16.08 -9.25
CA TYR B 442 18.75 -15.94 -10.71
C TYR B 442 17.37 -16.49 -11.08
N THR B 443 16.98 -17.63 -10.50
CA THR B 443 15.76 -18.41 -10.88
C THR B 443 14.71 -18.44 -9.77
N HIS B 444 14.90 -17.69 -8.67
CA HIS B 444 13.99 -17.71 -7.49
C HIS B 444 13.63 -16.28 -7.07
N MET B 445 13.57 -15.34 -8.02
CA MET B 445 13.14 -13.95 -7.78
C MET B 445 11.62 -13.92 -7.51
N ARG B 446 11.20 -13.12 -6.53
CA ARG B 446 9.77 -12.81 -6.27
C ARG B 446 9.43 -11.51 -7.00
N ASP B 447 8.53 -11.57 -7.98
CA ASP B 447 8.24 -10.48 -8.93
C ASP B 447 7.42 -9.39 -8.24
N HIS B 448 7.73 -8.13 -8.54
CA HIS B 448 7.00 -6.91 -8.07
C HIS B 448 6.86 -6.94 -6.55
N THR B 449 7.96 -7.18 -5.84
CA THR B 449 8.05 -7.13 -4.35
C THR B 449 9.52 -6.97 -3.92
N ASN B 450 9.72 -6.38 -2.74
CA ASN B 450 11.04 -6.07 -2.13
C ASN B 450 11.53 -7.25 -1.29
N SER B 451 10.73 -8.32 -1.17
CA SER B 451 11.05 -9.53 -0.38
C SER B 451 11.93 -10.48 -1.21
N ASN B 452 13.13 -10.02 -1.57
CA ASN B 452 14.23 -10.83 -2.18
C ASN B 452 15.52 -10.56 -1.41
N GLY B 453 16.20 -11.62 -0.96
CA GLY B 453 17.39 -11.55 -0.09
C GLY B 453 18.62 -11.00 -0.81
N CYS B 454 18.55 -10.82 -2.13
CA CYS B 454 19.64 -10.30 -3.00
C CYS B 454 19.42 -8.81 -3.30
N PHE B 455 18.46 -8.17 -2.62
CA PHE B 455 18.19 -6.70 -2.73
C PHE B 455 18.85 -6.00 -1.55
N TRP B 456 19.64 -4.96 -1.84
CA TRP B 456 20.41 -4.16 -0.85
C TRP B 456 20.16 -2.67 -1.08
N ASN B 457 20.17 -1.89 0.00
CA ASN B 457 20.23 -0.41 -0.03
C ASN B 457 21.55 0.03 0.60
N PHE B 458 22.15 1.09 0.07
CA PHE B 458 23.40 1.73 0.58
C PHE B 458 23.00 2.98 1.38
N ILE B 459 23.26 2.97 2.69
CA ILE B 459 22.93 4.10 3.61
C ILE B 459 24.19 4.92 3.88
N SER B 460 24.20 6.20 3.47
CA SER B 460 25.26 7.19 3.78
C SER B 460 24.85 8.01 5.01
N GLU B 461 25.76 8.18 5.96
CA GLU B 461 25.55 8.99 7.18
C GLU B 461 25.43 10.47 6.78
N GLU B 462 24.38 11.16 7.23
CA GLU B 462 24.02 12.53 6.80
C GLU B 462 23.35 13.30 7.94
N HIS B 463 23.50 14.62 7.94
CA HIS B 463 22.94 15.57 8.95
C HIS B 463 21.40 15.52 8.94
N GLY B 464 20.80 15.14 7.81
CA GLY B 464 19.34 15.01 7.62
C GLY B 464 18.73 13.93 8.52
N TRP B 465 19.48 12.87 8.80
CA TRP B 465 19.08 11.74 9.69
C TRP B 465 20.10 11.61 10.82
N GLN B 466 19.71 12.03 12.03
CA GLN B 466 20.57 12.03 13.24
C GLN B 466 20.15 10.89 14.17
N GLU B 467 21.12 10.10 14.64
CA GLU B 467 20.95 9.05 15.67
C GLU B 467 21.86 9.36 16.86
N LYS B 468 21.98 10.64 17.20
CA LYS B 468 22.83 11.15 18.32
C LYS B 468 21.96 11.30 19.58
C2 BGC C . -14.62 14.86 -32.03
C3 BGC C . -13.95 13.90 -31.06
C4 BGC C . -12.51 13.58 -31.47
C5 BGC C . -11.75 14.87 -31.83
C6 BGC C . -10.35 14.57 -32.35
C1 BGC C . -13.74 16.07 -32.32
O1 BGC C . -14.38 16.89 -33.30
O2 BGC C . -15.86 15.31 -31.49
O3 BGC C . -14.70 12.68 -31.00
O4 BGC C . -11.83 12.93 -30.38
O5 BGC C . -12.47 15.63 -32.80
O6 BGC C . -10.42 13.85 -33.59
H2 BGC C . -14.81 14.33 -32.98
H3 BGC C . -13.94 14.36 -30.06
H4 BGC C . -12.54 12.94 -32.35
H5 BGC C . -11.64 15.46 -30.90
H61 BGC C . -9.79 13.98 -31.62
H62 BGC C . -9.80 15.51 -32.50
H1 BGC C . -13.62 16.64 -31.39
HO1 BGC C . -13.87 17.03 -34.01
HO2 BGC C . -16.44 15.90 -32.22
HO3 BGC C . -15.84 12.90 -30.92
HO6 BGC C . -11.60 13.46 -33.71
C1 GAL C . -11.61 11.53 -30.62
C2 GAL C . -10.72 10.98 -29.51
C3 GAL C . -10.56 9.47 -29.61
C4 GAL C . -11.94 8.82 -29.66
C5 GAL C . -12.66 9.37 -30.89
C6 GAL C . -14.01 8.71 -31.12
O2 GAL C . -9.44 11.61 -29.55
O3 GAL C . -9.80 8.94 -28.52
O4 GAL C . -12.67 9.13 -28.47
O5 GAL C . -12.83 10.79 -30.73
O6 GAL C . -13.83 7.35 -31.52
H1 GAL C . -11.04 11.42 -31.57
H2 GAL C . -11.20 11.21 -28.54
H3 GAL C . -10.04 9.24 -30.56
H4 GAL C . -11.82 7.73 -29.79
H5 GAL C . -12.03 9.18 -31.77
H61 GAL C . -14.56 9.25 -31.90
H62 GAL C . -14.61 8.76 -30.20
HO2 GAL C . -9.75 12.75 -29.44
HO3 GAL C . -8.90 9.64 -28.47
HO6 GAL C . -12.75 7.06 -31.12
C1 NGA C . -12.87 7.99 -27.59
C2 NGA C . -13.14 8.47 -26.17
C3 NGA C . -13.52 7.34 -25.22
C4 NGA C . -14.61 6.47 -25.83
C5 NGA C . -14.20 6.05 -27.25
C6 NGA C . -15.29 5.21 -27.90
C7 NGA C . -11.95 10.49 -25.45
C8 NGA C . -10.65 11.05 -24.97
N2 NGA C . -11.99 9.17 -25.64
O3 NGA C . -13.95 7.92 -23.97
O4 NGA C . -15.85 7.19 -25.88
O5 NGA C . -13.96 7.19 -28.06
O6 NGA C . -14.69 4.35 -28.88
O7 NGA C . -12.92 11.21 -25.67
H1 NGA C . -11.96 7.38 -27.57
H2 NGA C . -14.00 9.16 -26.20
H3 NGA C . -12.62 6.72 -25.06
H4 NGA C . -14.73 5.56 -25.23
H5 NGA C . -13.29 5.44 -27.17
H61 NGA C . -16.03 5.86 -28.37
H62 NGA C . -15.79 4.61 -27.14
H81 NGA C . -9.91 10.94 -25.71
H82 NGA C . -10.77 12.09 -24.74
H83 NGA C . -10.35 10.54 -24.09
HN2 NGA C . -11.16 8.62 -25.43
HO4 NGA C . -16.52 6.63 -26.44
HO6 NGA C . -15.14 3.89 -29.45
C1 GAL C . -14.00 6.98 -22.87
C2 GAL C . -13.74 7.72 -21.55
C3 GAL C . -13.85 6.77 -20.36
C4 GAL C . -15.14 5.98 -20.41
C5 GAL C . -15.31 5.33 -21.78
C6 GAL C . -16.61 4.53 -21.87
O2 GAL C . -12.44 8.30 -21.56
O3 GAL C . -13.81 7.53 -19.15
O4 GAL C . -16.25 6.84 -20.13
O5 GAL C . -15.27 6.32 -22.80
O6 GAL C . -16.74 4.00 -23.20
H1 GAL C . -13.22 6.23 -22.99
H2 GAL C . -14.51 8.49 -21.44
H3 GAL C . -13.01 6.06 -20.43
H4 GAL C . -15.10 5.18 -19.65
H5 GAL C . -14.48 4.64 -21.92
H61 GAL C . -17.46 5.17 -21.64
H62 GAL C . -16.59 3.71 -21.16
HO2 GAL C . -12.42 8.81 -22.35
HO4 GAL C . -16.33 7.20 -19.30
HO6 GAL C . -16.08 4.38 -23.78
C1 SIA C . -12.28 5.76 -18.10
C2 SIA C . -12.74 7.22 -18.22
C3 SIA C . -13.08 7.90 -16.92
C4 SIA C . -11.83 8.31 -16.15
C5 SIA C . -10.89 9.10 -17.07
C6 SIA C . -10.54 8.23 -18.29
C7 SIA C . -9.65 8.83 -19.38
C8 SIA C . -8.56 9.80 -18.94
C9 SIA C . -7.49 10.00 -20.00
C10 SIA C . -8.89 8.82 -15.64
C11 SIA C . -7.82 9.55 -14.87
N5 SIA C . -9.74 9.59 -16.33
O1A SIA C . -11.20 5.45 -18.52
O1B SIA C . -13.00 4.94 -17.60
O4 SIA C . -12.20 9.11 -15.03
O6 SIA C . -11.77 7.95 -18.98
O7 SIA C . -9.04 7.75 -20.10
O8 SIA C . -9.16 11.06 -18.63
O9 SIA C . -6.65 8.85 -20.11
O10 SIA C . -8.96 7.60 -15.64
H32 SIA C . -13.61 7.29 -16.36
H31 SIA C . -13.62 8.69 -17.10
H4 SIA C . -11.36 7.50 -15.83
H5 SIA C . -11.40 9.88 -17.41
H6 SIA C . -10.13 7.39 -17.98
H7 SIA C . -10.24 9.33 -20.02
H8 SIA C . -8.12 9.45 -18.12
H92 SIA C . -7.92 10.17 -20.86
H91 SIA C . -6.93 10.78 -19.76
H111 SIA C . -7.20 8.91 -14.49
H113 SIA C . -7.34 10.15 -15.47
H112 SIA C . -8.23 10.06 -14.16
HN5 SIA C . -9.60 10.45 -16.33
HO4 SIA C . -11.81 9.97 -15.02
HO7 SIA C . -9.36 6.97 -19.68
HO8 SIA C . -8.63 11.61 -18.50
HO9 SIA C . -6.13 8.98 -20.73
C1 GAL D . 15.14 -29.96 -0.50
C2 GAL D . 14.57 -28.59 -0.88
C3 GAL D . 15.25 -28.04 -2.14
C4 GAL D . 16.78 -28.07 -1.98
C5 GAL D . 17.20 -29.50 -1.65
C6 GAL D . 18.72 -29.65 -1.57
O2 GAL D . 13.16 -28.71 -1.11
O3 GAL D . 14.75 -26.73 -2.43
O4 GAL D . 17.23 -27.17 -0.95
O5 GAL D . 16.57 -29.92 -0.43
O6 GAL D . 19.15 -30.08 -0.26
H1 GAL D . 14.73 -30.23 0.49
H2 GAL D . 14.75 -27.90 -0.06
H3 GAL D . 14.99 -28.71 -2.98
H4 GAL D . 17.23 -27.79 -2.95
H5 GAL D . 16.84 -30.16 -2.47
H61 GAL D . 19.20 -28.71 -1.82
H62 GAL D . 19.04 -30.39 -2.31
HO2 GAL D . 12.69 -29.00 -0.42
HO3 GAL D . 13.76 -26.67 -2.55
HO6 GAL D . 18.40 -29.46 0.34
C1 NGA D . 17.59 -25.87 -1.45
C2 NGA D . 17.47 -24.82 -0.35
C3 NGA D . 17.80 -23.42 -0.88
C4 NGA D . 19.14 -23.44 -1.64
C5 NGA D . 19.11 -24.56 -2.68
C6 NGA D . 20.35 -24.59 -3.58
C7 NGA D . 15.72 -24.69 1.44
C8 NGA D . 16.72 -24.30 2.49
N2 NGA D . 16.11 -24.87 0.17
O3 NGA D . 17.87 -22.49 0.23
O4 NGA D . 20.23 -23.64 -0.73
O5 NGA D . 18.91 -25.82 -2.01
O6 NGA D . 21.55 -24.61 -2.81
O7 NGA D . 14.56 -24.86 1.76
H1 NGA D . 16.88 -25.59 -2.23
H2 NGA D . 18.18 -25.08 0.43
H3 NGA D . 17.02 -23.11 -1.57
H4 NGA D . 19.26 -22.49 -2.16
H5 NGA D . 18.26 -24.36 -3.34
H61 NGA D . 20.36 -23.71 -4.23
H62 NGA D . 20.31 -25.47 -4.22
H81 NGA D . 17.01 -23.29 2.35
H82 NGA D . 16.27 -24.40 3.45
H83 NGA D . 17.57 -24.92 2.45
HN2 NGA D . 15.38 -25.13 -0.50
HO4 NGA D . 21.03 -23.75 -1.20
HO6 NGA D . 22.24 -24.85 -3.47
C1 GAL D . 17.78 -21.11 -0.12
C2 GAL D . 17.14 -20.37 1.05
C3 GAL D . 17.09 -18.87 0.83
C4 GAL D . 18.46 -18.31 0.42
C5 GAL D . 19.06 -19.16 -0.69
C6 GAL D . 20.50 -18.76 -0.98
O2 GAL D . 15.81 -20.86 1.27
O3 GAL D . 16.69 -18.23 2.06
O4 GAL D . 19.34 -18.26 1.55
O5 GAL D . 19.05 -20.54 -0.38
O6 GAL D . 20.96 -19.54 -2.08
H1 GAL D . 17.13 -20.97 -1.00
H2 GAL D . 17.75 -20.56 1.94
H3 GAL D . 16.38 -18.67 0.02
H4 GAL D . 18.30 -17.29 0.04
H5 GAL D . 18.48 -18.98 -1.60
H61 GAL D . 21.14 -18.96 -0.10
H62 GAL D . 20.57 -17.70 -1.22
HO2 GAL D . 15.99 -21.67 1.49
HO4 GAL D . 19.26 -17.90 2.22
HO6 GAL D . 20.29 -20.19 -2.35
C1 SIA D . 15.39 -16.49 0.75
C2 SIA D . 15.56 -17.34 2.01
C3 SIA D . 15.33 -16.55 3.28
C4 SIA D . 13.86 -16.27 3.54
C5 SIA D . 13.01 -17.54 3.39
C6 SIA D . 13.32 -18.27 2.08
C7 SIA D . 12.72 -19.66 1.86
C8 SIA D . 11.43 -20.06 2.59
C9 SIA D . 11.16 -21.55 2.50
C10 SIA D . 11.01 -16.06 3.39
C11 SIA D . 10.90 -15.27 4.66
N5 SIA D . 11.57 -17.27 3.48
O1A SIA D . 15.98 -15.45 0.65
O1B SIA D . 14.66 -16.89 -0.14
O4 SIA D . 13.74 -15.72 4.85
O6 SIA D . 14.73 -18.51 1.98
O7 SIA D . 12.47 -19.83 0.46
O8 SIA D . 11.50 -19.71 3.97
O9 SIA D . 11.26 -22.02 1.16
O10 SIA D . 10.64 -15.59 2.32
H32 SIA D . 15.82 -15.71 3.24
H31 SIA D . 15.70 -17.06 4.04
H4 SIA D . 13.55 -15.59 2.88
H5 SIA D . 13.26 -18.15 4.13
H6 SIA D . 13.04 -17.69 1.33
H7 SIA D . 13.41 -20.32 2.11
H8 SIA D . 10.66 -19.59 2.18
H92 SIA D . 11.80 -22.03 3.06
H91 SIA D . 10.25 -21.75 2.84
H111 SIA D . 11.00 -14.33 4.47
H113 SIA D . 10.02 -15.43 5.05
H112 SIA D . 11.59 -15.55 5.28
HN5 SIA D . 11.05 -17.95 3.62
HO4 SIA D . 13.12 -16.24 5.39
HO7 SIA D . 12.76 -19.04 0.07
HO8 SIA D . 10.82 -19.94 4.33
HO9 SIA D . 11.22 -22.86 1.16
#